data_5B2V
#
_entry.id   5B2V
#
_cell.length_a   58.881
_cell.length_b   147.491
_cell.length_c   64.247
_cell.angle_alpha   90.000
_cell.angle_beta   98.230
_cell.angle_gamma   90.000
#
_symmetry.space_group_name_H-M   'P 1 21 1'
#
loop_
_entity.id
_entity.type
_entity.pdbx_description
1 polymer 'Bifunctional cytochrome P450/NADPH--P450 reductase'
2 non-polymer 'PROTOPORPHYRIN IX CONTAINING FE'
3 non-polymer '(2~{S})-3-(1~{H}-indol-3-yl)-2-[2,2,3,3,4,4,5,5,6,6,6-undecakis(fluoranyl)hexanoylamino]propanoic acid'
4 water water
#
_entity_poly.entity_id   1
_entity_poly.type   'polypeptide(L)'
_entity_poly.pdbx_seq_one_letter_code
;MTIKEMPQPKTFGELKNLPLLNTDKPVQALMKIADELGEIFKFEAPGRVTRYLSSQRLIKEACDESRFDKNLSQALKFVR
DFAGDGLFTSWTHEKNWKKAHNILLPSFSQQAMKGYHAMMVDIAVQLVQKWERLNADEHIEVPEDMTRLTLDTIGLCGFN
YRFNSFYRDQPHPFITSMVRALDEAMNKLQRANPDDPAYDENKRQFQEDIKVMNDLVDKIIADRKASGEQSDDLLTHMLN
GKDPETGEPLDDENIRYQIITFLIAGHETTSGLLSFALYFLVKNPHVLQKAAEEAARVLVDPVPSYKQVKQLKYVGMVLN
EALRLWPTAPAFSLYAKEDTVLGGEYPLEKGDELMVLIPQLHRDKTIWGDDVEEFRPERFENPSAIPQHAFKPFGNGQRA
CIGQQFALHEATLVLGMMLKHFDFEDHTNYELDIKETLTLKPEGFVVKAKSKKIPL
;
_entity_poly.pdbx_strand_id   A,B
#
loop_
_chem_comp.id
_chem_comp.type
_chem_comp.name
_chem_comp.formula
HEM non-polymer 'PROTOPORPHYRIN IX CONTAINING FE' 'C34 H32 Fe N4 O4'
W06 non-polymer '(2~{S})-3-(1~{H}-indol-3-yl)-2-[2,2,3,3,4,4,5,5,6,6,6-undecakis(fluoranyl)hexanoylamino]propanoic acid' 'C17 H11 F11 N2 O3'
#
# COMPACT_ATOMS: atom_id res chain seq x y z
N LYS A 4 -47.95 11.57 -33.11
CA LYS A 4 -48.79 10.34 -33.08
C LYS A 4 -47.94 9.08 -32.92
N GLU A 5 -46.87 8.99 -33.70
CA GLU A 5 -45.94 7.86 -33.62
C GLU A 5 -45.06 7.96 -32.36
N MET A 6 -44.16 6.99 -32.20
CA MET A 6 -43.29 6.92 -31.00
C MET A 6 -42.41 8.17 -30.86
N PRO A 7 -42.36 8.76 -29.65
CA PRO A 7 -41.51 9.94 -29.45
C PRO A 7 -40.04 9.67 -29.78
N GLN A 8 -39.33 10.71 -30.22
CA GLN A 8 -37.94 10.57 -30.61
C GLN A 8 -37.20 11.88 -30.35
N PRO A 9 -35.99 11.81 -29.79
CA PRO A 9 -35.22 13.02 -29.54
C PRO A 9 -34.66 13.63 -30.82
N LYS A 10 -34.07 14.81 -30.69
CA LYS A 10 -33.57 15.57 -31.84
C LYS A 10 -32.61 14.74 -32.70
N THR A 11 -32.69 14.94 -34.01
CA THR A 11 -31.91 14.20 -34.98
C THR A 11 -30.84 15.09 -35.61
N PHE A 12 -29.81 14.45 -36.17
CA PHE A 12 -28.67 15.14 -36.76
C PHE A 12 -28.53 14.75 -38.23
N GLY A 13 -29.62 14.90 -38.98
CA GLY A 13 -29.63 14.58 -40.41
C GLY A 13 -29.42 13.10 -40.67
N GLU A 14 -28.34 12.77 -41.38
CA GLU A 14 -28.04 11.38 -41.75
C GLU A 14 -27.60 10.52 -40.56
N LEU A 15 -26.96 11.15 -39.57
CA LEU A 15 -26.51 10.45 -38.36
C LEU A 15 -27.66 10.15 -37.39
N LYS A 16 -28.80 10.80 -37.57
CA LYS A 16 -29.98 10.61 -36.72
C LYS A 16 -29.68 10.94 -35.25
N ASN A 17 -29.93 10.02 -34.32
CA ASN A 17 -29.74 10.31 -32.89
C ASN A 17 -28.34 10.02 -32.36
N LEU A 18 -27.49 9.38 -33.18
CA LEU A 18 -26.19 8.87 -32.71
C LEU A 18 -25.31 9.87 -31.96
N PRO A 19 -25.23 11.13 -32.43
CA PRO A 19 -24.39 12.11 -31.74
C PRO A 19 -24.81 12.48 -30.31
N LEU A 20 -26.02 12.12 -29.90
CA LEU A 20 -26.47 12.33 -28.52
C LEU A 20 -25.70 11.45 -27.53
N LEU A 21 -25.24 10.29 -27.99
CA LEU A 21 -24.43 9.41 -27.16
C LEU A 21 -22.94 9.76 -27.19
N ASN A 22 -22.56 10.73 -28.03
CA ASN A 22 -21.19 11.24 -28.05
C ASN A 22 -20.99 12.24 -26.90
N THR A 23 -20.88 11.68 -25.71
CA THR A 23 -20.72 12.45 -24.47
C THR A 23 -20.12 11.52 -23.43
N ASP A 24 -19.49 12.09 -22.40
CA ASP A 24 -18.89 11.25 -21.36
C ASP A 24 -19.95 10.68 -20.41
N LYS A 25 -21.15 11.26 -20.41
CA LYS A 25 -22.25 10.82 -19.53
C LYS A 25 -23.52 10.44 -20.32
N PRO A 26 -23.46 9.34 -21.08
CA PRO A 26 -24.59 8.97 -21.96
C PRO A 26 -25.89 8.57 -21.24
N VAL A 27 -25.77 7.83 -20.14
CA VAL A 27 -26.95 7.38 -19.39
C VAL A 27 -27.71 8.55 -18.78
N GLN A 28 -26.98 9.53 -18.25
CA GLN A 28 -27.60 10.72 -17.65
C GLN A 28 -28.28 11.60 -18.70
N ALA A 29 -27.73 11.64 -19.90
CA ALA A 29 -28.37 12.32 -21.03
C ALA A 29 -29.65 11.59 -21.44
N LEU A 30 -29.60 10.26 -21.48
CA LEU A 30 -30.78 9.46 -21.80
C LEU A 30 -31.88 9.64 -20.75
N MET A 31 -31.48 9.74 -19.48
CA MET A 31 -32.43 10.03 -18.39
C MET A 31 -33.11 11.38 -18.60
N LYS A 32 -32.35 12.36 -19.07
CA LYS A 32 -32.88 13.69 -19.35
C LYS A 32 -33.86 13.64 -20.52
N ILE A 33 -33.50 12.91 -21.57
CA ILE A 33 -34.41 12.69 -22.70
C ILE A 33 -35.71 12.02 -22.24
N ALA A 34 -35.59 11.06 -21.33
CA ALA A 34 -36.75 10.33 -20.82
C ALA A 34 -37.72 11.22 -20.04
N ASP A 35 -37.18 12.22 -19.33
CA ASP A 35 -38.02 13.20 -18.64
C ASP A 35 -38.82 14.06 -19.63
N GLU A 36 -38.18 14.42 -20.73
CA GLU A 36 -38.82 15.23 -21.76
C GLU A 36 -39.88 14.45 -22.54
N LEU A 37 -39.52 13.24 -22.99
CA LEU A 37 -40.39 12.44 -23.87
C LEU A 37 -41.27 11.44 -23.15
N GLY A 38 -40.82 10.96 -21.98
CA GLY A 38 -41.64 10.11 -21.11
C GLY A 38 -41.39 8.62 -21.20
N GLU A 39 -42.48 7.86 -21.18
CA GLU A 39 -42.51 6.40 -21.06
C GLU A 39 -41.55 5.65 -21.98
N ILE A 40 -41.55 6.04 -23.24
CA ILE A 40 -40.81 5.32 -24.27
C ILE A 40 -40.39 6.27 -25.38
N PHE A 41 -39.17 6.10 -25.88
CA PHE A 41 -38.73 6.81 -27.06
C PHE A 41 -37.84 5.94 -27.94
N LYS A 42 -37.89 6.20 -29.24
CA LYS A 42 -37.06 5.51 -30.21
C LYS A 42 -35.72 6.22 -30.28
N PHE A 43 -34.66 5.46 -30.51
CA PHE A 43 -33.32 6.01 -30.70
C PHE A 43 -32.72 5.40 -31.96
N GLU A 44 -32.45 6.24 -32.96
CA GLU A 44 -31.96 5.75 -34.25
C GLU A 44 -30.50 6.11 -34.51
N ALA A 45 -29.86 5.29 -35.32
CA ALA A 45 -28.51 5.55 -35.82
C ALA A 45 -28.38 4.86 -37.18
N PRO A 46 -27.28 5.11 -37.90
CA PRO A 46 -27.11 4.44 -39.20
C PRO A 46 -27.14 2.92 -39.08
N GLY A 47 -28.15 2.29 -39.69
CA GLY A 47 -28.28 0.85 -39.72
C GLY A 47 -28.54 0.19 -38.37
N ARG A 48 -29.19 0.91 -37.46
CA ARG A 48 -29.49 0.37 -36.14
C ARG A 48 -30.58 1.18 -35.45
N VAL A 49 -31.38 0.51 -34.61
CA VAL A 49 -32.46 1.17 -33.87
C VAL A 49 -32.76 0.43 -32.56
N THR A 50 -33.06 1.21 -31.53
CA THR A 50 -33.48 0.65 -30.25
C THR A 50 -34.54 1.56 -29.61
N ARG A 51 -35.16 1.06 -28.54
CA ARG A 51 -36.24 1.77 -27.86
C ARG A 51 -36.00 1.75 -26.35
N TYR A 52 -35.92 2.94 -25.74
CA TYR A 52 -35.64 3.06 -24.31
C TYR A 52 -36.93 3.09 -23.49
N LEU A 53 -37.05 2.16 -22.54
CA LEU A 53 -38.22 2.06 -21.66
C LEU A 53 -37.92 2.62 -20.28
N SER A 54 -38.85 3.43 -19.75
CA SER A 54 -38.63 4.15 -18.49
C SER A 54 -39.70 3.96 -17.42
N SER A 55 -40.82 3.32 -17.76
CA SER A 55 -41.93 3.17 -16.82
C SER A 55 -42.13 1.72 -16.43
N GLN A 56 -42.61 1.52 -15.19
CA GLN A 56 -42.93 0.18 -14.69
C GLN A 56 -43.99 -0.50 -15.55
N ARG A 57 -44.90 0.28 -16.12
CA ARG A 57 -45.98 -0.24 -16.98
C ARG A 57 -45.47 -1.03 -18.17
N LEU A 58 -44.50 -0.47 -18.89
CA LEU A 58 -43.95 -1.11 -20.09
C LEU A 58 -42.85 -2.10 -19.74
N ILE A 59 -42.05 -1.77 -18.75
CA ILE A 59 -40.92 -2.61 -18.34
C ILE A 59 -41.38 -3.96 -17.76
N LYS A 60 -42.54 -3.99 -17.12
CA LYS A 60 -43.07 -5.24 -16.57
C LYS A 60 -43.41 -6.23 -17.70
N GLU A 61 -43.84 -5.70 -18.85
CA GLU A 61 -44.04 -6.53 -20.04
C GLU A 61 -42.69 -6.98 -20.63
N ALA A 62 -41.74 -6.04 -20.69
CA ALA A 62 -40.40 -6.33 -21.19
C ALA A 62 -39.72 -7.43 -20.39
N CYS A 63 -40.05 -7.53 -19.10
CA CYS A 63 -39.48 -8.57 -18.23
C CYS A 63 -40.16 -9.94 -18.37
N ASP A 64 -41.11 -10.05 -19.29
CA ASP A 64 -41.75 -11.33 -19.61
C ASP A 64 -40.80 -12.18 -20.44
N GLU A 65 -40.24 -13.21 -19.82
CA GLU A 65 -39.24 -14.07 -20.48
C GLU A 65 -39.79 -14.91 -21.63
N SER A 66 -41.11 -15.06 -21.72
CA SER A 66 -41.73 -15.76 -22.84
C SER A 66 -41.73 -14.91 -24.10
N ARG A 67 -41.71 -13.60 -23.95
CA ARG A 67 -41.74 -12.66 -25.08
C ARG A 67 -40.40 -11.95 -25.34
N PHE A 68 -39.57 -11.83 -24.31
CA PHE A 68 -38.30 -11.12 -24.43
C PHE A 68 -37.15 -11.86 -23.75
N ASP A 69 -35.95 -11.76 -24.34
CA ASP A 69 -34.76 -12.42 -23.82
C ASP A 69 -33.63 -11.39 -23.76
N LYS A 70 -32.58 -11.66 -22.99
CA LYS A 70 -31.43 -10.76 -22.91
C LYS A 70 -30.75 -10.59 -24.26
N ASN A 71 -30.57 -9.34 -24.66
CA ASN A 71 -29.77 -9.01 -25.83
C ASN A 71 -28.38 -8.55 -25.38
N LEU A 72 -27.37 -8.89 -26.16
CA LEU A 72 -26.02 -8.34 -25.96
C LEU A 72 -25.97 -6.96 -26.60
N SER A 73 -26.05 -5.92 -25.78
CA SER A 73 -25.85 -4.55 -26.23
C SER A 73 -24.48 -4.40 -26.86
N GLN A 74 -24.28 -3.34 -27.63
CA GLN A 74 -23.01 -3.10 -28.30
C GLN A 74 -21.86 -3.00 -27.28
N ALA A 75 -22.16 -2.47 -26.10
CA ALA A 75 -21.19 -2.41 -25.01
C ALA A 75 -20.72 -3.81 -24.61
N LEU A 76 -21.67 -4.71 -24.37
CA LEU A 76 -21.35 -6.08 -23.97
C LEU A 76 -20.63 -6.86 -25.05
N LYS A 77 -20.99 -6.61 -26.32
CA LYS A 77 -20.29 -7.21 -27.47
C LYS A 77 -18.80 -6.88 -27.45
N PHE A 78 -18.45 -5.64 -27.12
CA PHE A 78 -17.06 -5.22 -27.02
C PHE A 78 -16.37 -5.81 -25.78
N VAL A 79 -17.13 -5.95 -24.69
CA VAL A 79 -16.61 -6.61 -23.48
C VAL A 79 -16.38 -8.10 -23.74
N ARG A 80 -17.20 -8.68 -24.62
CA ARG A 80 -17.10 -10.10 -24.99
C ARG A 80 -15.73 -10.48 -25.58
N ASP A 81 -15.00 -9.50 -26.10
CA ASP A 81 -13.65 -9.73 -26.64
C ASP A 81 -12.65 -10.21 -25.57
N PHE A 82 -12.89 -9.84 -24.31
CA PHE A 82 -12.09 -10.38 -23.18
C PHE A 82 -12.91 -11.12 -22.12
N ALA A 83 -14.22 -10.92 -22.11
CA ALA A 83 -15.11 -11.68 -21.21
C ALA A 83 -15.62 -12.97 -21.85
N GLY A 84 -15.43 -13.10 -23.16
CA GLY A 84 -15.77 -14.33 -23.90
C GLY A 84 -17.20 -14.79 -23.70
N ASP A 85 -17.39 -16.10 -23.63
CA ASP A 85 -18.71 -16.70 -23.39
C ASP A 85 -18.93 -16.99 -21.90
N GLY A 86 -18.54 -16.04 -21.05
CA GLY A 86 -18.87 -16.08 -19.64
C GLY A 86 -20.34 -15.72 -19.46
N LEU A 87 -20.86 -15.88 -18.24
CA LEU A 87 -22.29 -15.67 -17.97
C LEU A 87 -22.79 -14.28 -18.38
N PHE A 88 -21.94 -13.27 -18.18
CA PHE A 88 -22.32 -11.88 -18.37
C PHE A 88 -22.43 -11.49 -19.85
N THR A 89 -21.62 -12.10 -20.71
CA THR A 89 -21.57 -11.73 -22.12
C THR A 89 -22.00 -12.85 -23.07
N SER A 90 -22.55 -13.93 -22.53
CA SER A 90 -23.06 -15.04 -23.35
C SER A 90 -24.55 -14.91 -23.62
N TRP A 91 -25.00 -15.38 -24.78
CA TRP A 91 -26.42 -15.40 -25.12
C TRP A 91 -27.09 -16.53 -24.36
N THR A 92 -28.37 -16.37 -24.03
CA THR A 92 -29.14 -17.40 -23.33
C THR A 92 -29.14 -18.75 -24.07
N HIS A 93 -29.10 -18.68 -25.40
CA HIS A 93 -29.17 -19.88 -26.24
C HIS A 93 -27.83 -20.57 -26.46
N GLU A 94 -26.74 -19.98 -25.96
CA GLU A 94 -25.43 -20.63 -26.03
C GLU A 94 -25.33 -21.72 -24.97
N LYS A 95 -24.84 -22.89 -25.38
CA LYS A 95 -24.71 -24.05 -24.50
C LYS A 95 -23.98 -23.70 -23.20
N ASN A 96 -22.88 -22.95 -23.31
CA ASN A 96 -22.06 -22.62 -22.15
C ASN A 96 -22.74 -21.71 -21.13
N TRP A 97 -23.75 -20.95 -21.55
CA TRP A 97 -24.48 -20.13 -20.59
C TRP A 97 -25.24 -21.02 -19.60
N LYS A 98 -26.03 -21.95 -20.13
CA LYS A 98 -26.89 -22.80 -19.30
C LYS A 98 -26.06 -23.73 -18.40
N LYS A 99 -24.96 -24.25 -18.95
CA LYS A 99 -24.03 -25.07 -18.17
C LYS A 99 -23.47 -24.30 -16.98
N ALA A 100 -22.90 -23.13 -17.25
CA ALA A 100 -22.28 -22.32 -16.22
C ALA A 100 -23.32 -21.82 -15.20
N HIS A 101 -24.51 -21.49 -15.71
CA HIS A 101 -25.63 -21.08 -14.87
C HIS A 101 -25.98 -22.15 -13.84
N ASN A 102 -26.20 -23.38 -14.30
CA ASN A 102 -26.52 -24.50 -13.41
C ASN A 102 -25.38 -24.87 -12.47
N ILE A 103 -24.14 -24.76 -12.96
CA ILE A 103 -22.96 -25.11 -12.17
C ILE A 103 -22.67 -24.07 -11.09
N LEU A 104 -22.91 -22.80 -11.38
CA LEU A 104 -22.51 -21.71 -10.49
C LEU A 104 -23.59 -21.26 -9.50
N LEU A 105 -24.86 -21.51 -9.82
CA LEU A 105 -25.97 -21.13 -8.94
C LEU A 105 -25.82 -21.62 -7.50
N PRO A 106 -25.48 -22.90 -7.29
CA PRO A 106 -25.22 -23.39 -5.92
C PRO A 106 -24.11 -22.63 -5.18
N SER A 107 -23.11 -22.16 -5.92
CA SER A 107 -21.98 -21.44 -5.33
C SER A 107 -22.28 -19.96 -5.07
N PHE A 108 -23.39 -19.46 -5.61
CA PHE A 108 -23.77 -18.06 -5.42
C PHE A 108 -25.06 -17.90 -4.61
N SER A 109 -25.51 -18.98 -3.99
CA SER A 109 -26.72 -18.94 -3.16
C SER A 109 -26.49 -18.09 -1.91
N GLN A 110 -27.57 -17.70 -1.24
CA GLN A 110 -27.50 -16.99 0.03
C GLN A 110 -26.80 -17.84 1.10
N GLN A 111 -26.89 -19.17 0.98
CA GLN A 111 -26.35 -20.09 1.98
C GLN A 111 -24.88 -20.43 1.73
N ALA A 112 -24.41 -20.20 0.50
CA ALA A 112 -22.99 -20.33 0.18
C ALA A 112 -22.19 -19.14 0.72
N MET A 113 -22.88 -18.05 1.04
CA MET A 113 -22.25 -16.85 1.59
C MET A 113 -21.64 -17.09 2.97
N LYS A 114 -22.15 -18.09 3.69
CA LYS A 114 -21.56 -18.51 4.97
C LYS A 114 -20.09 -18.91 4.79
N GLY A 115 -19.79 -19.55 3.66
CA GLY A 115 -18.42 -19.96 3.35
C GLY A 115 -17.49 -18.82 2.99
N TYR A 116 -18.02 -17.82 2.27
CA TYR A 116 -17.23 -16.67 1.84
C TYR A 116 -17.06 -15.63 2.95
N HIS A 117 -17.97 -15.64 3.92
CA HIS A 117 -18.02 -14.60 4.95
C HIS A 117 -16.65 -14.29 5.56
N ALA A 118 -15.93 -15.33 6.00
CA ALA A 118 -14.63 -15.17 6.64
C ALA A 118 -13.65 -14.38 5.77
N MET A 119 -13.65 -14.65 4.47
CA MET A 119 -12.76 -13.98 3.52
C MET A 119 -13.19 -12.54 3.23
N MET A 120 -14.49 -12.27 3.27
CA MET A 120 -14.99 -10.90 3.11
C MET A 120 -14.53 -10.05 4.30
N VAL A 121 -14.67 -10.60 5.50
CA VAL A 121 -14.21 -9.95 6.73
C VAL A 121 -12.71 -9.63 6.67
N ASP A 122 -11.92 -10.56 6.15
CA ASP A 122 -10.48 -10.37 5.98
C ASP A 122 -10.20 -9.05 5.25
N ILE A 123 -10.82 -8.86 4.09
CA ILE A 123 -10.62 -7.65 3.30
C ILE A 123 -11.27 -6.43 3.98
N ALA A 124 -12.44 -6.64 4.58
CA ALA A 124 -13.14 -5.57 5.30
C ALA A 124 -12.29 -5.03 6.46
N VAL A 125 -11.64 -5.93 7.20
CA VAL A 125 -10.78 -5.54 8.32
C VAL A 125 -9.59 -4.70 7.82
N GLN A 126 -9.04 -5.03 6.67
CA GLN A 126 -7.95 -4.24 6.07
C GLN A 126 -8.40 -2.79 5.78
N LEU A 127 -9.61 -2.64 5.26
CA LEU A 127 -10.19 -1.32 5.00
C LEU A 127 -10.30 -0.51 6.28
N VAL A 128 -10.88 -1.14 7.30
CA VAL A 128 -11.10 -0.49 8.59
C VAL A 128 -9.77 -0.04 9.19
N GLN A 129 -8.78 -0.93 9.16
CA GLN A 129 -7.47 -0.61 9.73
C GLN A 129 -6.72 0.47 8.94
N LYS A 130 -6.93 0.52 7.62
CA LYS A 130 -6.34 1.60 6.82
C LYS A 130 -6.86 2.95 7.32
N TRP A 131 -8.17 3.06 7.50
CA TRP A 131 -8.80 4.32 7.90
C TRP A 131 -8.46 4.69 9.34
N GLU A 132 -8.40 3.71 10.22
CA GLU A 132 -7.96 3.93 11.61
C GLU A 132 -6.50 4.39 11.70
N ARG A 133 -5.69 4.07 10.69
CA ARG A 133 -4.28 4.45 10.67
C ARG A 133 -4.01 5.76 9.93
N LEU A 134 -5.06 6.40 9.44
CA LEU A 134 -4.93 7.73 8.85
C LEU A 134 -4.64 8.75 9.95
N ASN A 135 -3.86 9.77 9.62
CA ASN A 135 -3.57 10.86 10.55
C ASN A 135 -4.67 11.92 10.49
N ALA A 136 -4.61 12.87 11.42
CA ALA A 136 -5.54 13.99 11.44
C ALA A 136 -5.40 14.82 10.16
N ASP A 137 -6.52 15.34 9.67
CA ASP A 137 -6.54 16.18 8.45
C ASP A 137 -6.12 15.43 7.17
N GLU A 138 -6.10 14.09 7.24
CA GLU A 138 -6.03 13.27 6.04
C GLU A 138 -7.46 12.88 5.72
N HIS A 139 -7.74 12.65 4.44
CA HIS A 139 -9.09 12.29 4.02
C HIS A 139 -9.11 10.96 3.30
N ILE A 140 -10.32 10.50 2.99
CA ILE A 140 -10.56 9.23 2.32
C ILE A 140 -11.08 9.51 0.92
N GLU A 141 -10.45 8.88 -0.08
CA GLU A 141 -10.98 8.84 -1.44
C GLU A 141 -11.93 7.65 -1.50
N VAL A 142 -13.23 7.91 -1.54
CA VAL A 142 -14.23 6.87 -1.27
C VAL A 142 -14.31 5.78 -2.35
N PRO A 143 -14.66 6.13 -3.60
CA PRO A 143 -14.75 5.06 -4.61
C PRO A 143 -13.45 4.30 -4.83
N GLU A 144 -12.31 4.95 -4.63
CA GLU A 144 -11.01 4.31 -4.81
C GLU A 144 -10.81 3.22 -3.77
N ASP A 145 -11.08 3.53 -2.50
CA ASP A 145 -10.95 2.55 -1.43
C ASP A 145 -12.00 1.44 -1.50
N MET A 146 -13.21 1.76 -1.93
CA MET A 146 -14.25 0.76 -2.13
C MET A 146 -13.89 -0.20 -3.26
N THR A 147 -13.27 0.32 -4.31
CA THR A 147 -12.81 -0.50 -5.43
C THR A 147 -11.65 -1.40 -5.00
N ARG A 148 -10.79 -0.89 -4.13
CA ARG A 148 -9.73 -1.71 -3.52
C ARG A 148 -10.35 -2.90 -2.79
N LEU A 149 -11.39 -2.63 -2.02
CA LEU A 149 -12.06 -3.67 -1.24
C LEU A 149 -12.77 -4.69 -2.13
N THR A 150 -13.58 -4.23 -3.09
CA THR A 150 -14.40 -5.14 -3.89
C THR A 150 -13.56 -6.04 -4.81
N LEU A 151 -12.50 -5.49 -5.38
CA LEU A 151 -11.58 -6.29 -6.20
C LEU A 151 -10.90 -7.40 -5.39
N ASP A 152 -10.32 -7.03 -4.24
CA ASP A 152 -9.64 -8.00 -3.38
C ASP A 152 -10.60 -9.06 -2.86
N THR A 153 -11.80 -8.63 -2.49
CA THR A 153 -12.81 -9.54 -1.94
C THR A 153 -13.20 -10.62 -2.96
N ILE A 154 -13.51 -10.19 -4.18
CA ILE A 154 -13.86 -11.15 -5.24
C ILE A 154 -12.65 -11.98 -5.68
N GLY A 155 -11.48 -11.37 -5.72
CA GLY A 155 -10.25 -12.10 -6.02
C GLY A 155 -10.01 -13.21 -5.00
N LEU A 156 -10.15 -12.85 -3.72
CA LEU A 156 -9.94 -13.80 -2.63
C LEU A 156 -11.05 -14.85 -2.58
N CYS A 157 -12.30 -14.40 -2.65
CA CYS A 157 -13.45 -15.33 -2.61
C CYS A 157 -13.63 -16.12 -3.90
N GLY A 158 -13.19 -15.55 -5.02
CA GLY A 158 -13.38 -16.16 -6.34
C GLY A 158 -12.38 -17.22 -6.71
N PHE A 159 -11.09 -16.94 -6.52
CA PHE A 159 -10.04 -17.92 -6.82
C PHE A 159 -8.84 -17.84 -5.88
N ASN A 160 -9.12 -17.51 -4.62
CA ASN A 160 -8.11 -17.48 -3.55
C ASN A 160 -6.81 -16.75 -3.94
N TYR A 161 -6.95 -15.65 -4.67
CA TYR A 161 -5.81 -14.85 -5.10
C TYR A 161 -5.91 -13.46 -4.48
N ARG A 162 -4.81 -13.00 -3.88
CA ARG A 162 -4.76 -11.70 -3.23
C ARG A 162 -4.11 -10.65 -4.11
N PHE A 163 -4.90 -9.69 -4.58
CA PHE A 163 -4.39 -8.55 -5.33
C PHE A 163 -3.67 -7.55 -4.41
N ASN A 164 -3.92 -7.64 -3.10
CA ASN A 164 -3.28 -6.77 -2.11
C ASN A 164 -3.38 -5.29 -2.48
N SER A 165 -4.59 -4.84 -2.77
CA SER A 165 -4.82 -3.49 -3.27
C SER A 165 -4.53 -2.40 -2.25
N PHE A 166 -4.65 -2.74 -0.96
CA PHE A 166 -4.37 -1.79 0.12
C PHE A 166 -2.87 -1.64 0.40
N TYR A 167 -2.05 -2.43 -0.29
CA TYR A 167 -0.59 -2.27 -0.24
C TYR A 167 -0.05 -1.49 -1.44
N ARG A 168 -0.95 -0.90 -2.22
CA ARG A 168 -0.58 -0.30 -3.51
C ARG A 168 -1.23 1.06 -3.73
N ASP A 169 -0.51 1.92 -4.46
CA ASP A 169 -1.08 3.09 -5.11
C ASP A 169 -1.39 2.72 -6.56
N GLN A 170 -0.43 2.04 -7.19
CA GLN A 170 -0.56 1.55 -8.56
C GLN A 170 -1.11 0.11 -8.52
N PRO A 171 -2.34 -0.10 -9.04
CA PRO A 171 -2.98 -1.43 -8.91
C PRO A 171 -2.20 -2.59 -9.55
N HIS A 172 -2.62 -3.82 -9.21
CA HIS A 172 -2.03 -5.05 -9.75
C HIS A 172 -2.04 -5.00 -11.28
N PRO A 173 -1.03 -5.60 -11.94
CA PRO A 173 -1.01 -5.67 -13.41
C PRO A 173 -2.33 -6.09 -14.06
N PHE A 174 -3.00 -7.09 -13.47
CA PHE A 174 -4.30 -7.56 -13.95
C PHE A 174 -5.35 -6.45 -13.96
N ILE A 175 -5.59 -5.86 -12.78
CA ILE A 175 -6.65 -4.84 -12.63
C ILE A 175 -6.36 -3.62 -13.50
N THR A 176 -5.09 -3.23 -13.58
CA THR A 176 -4.66 -2.16 -14.47
C THR A 176 -5.06 -2.49 -15.91
N SER A 177 -4.70 -3.70 -16.35
CA SER A 177 -5.02 -4.19 -17.69
C SER A 177 -6.53 -4.31 -17.91
N MET A 178 -7.27 -4.77 -16.89
CA MET A 178 -8.71 -4.96 -16.99
C MET A 178 -9.46 -3.64 -17.16
N VAL A 179 -9.10 -2.63 -16.35
CA VAL A 179 -9.74 -1.32 -16.40
C VAL A 179 -9.42 -0.61 -17.71
N ARG A 180 -8.17 -0.75 -18.17
CA ARG A 180 -7.75 -0.18 -19.45
C ARG A 180 -8.52 -0.85 -20.61
N ALA A 181 -8.82 -2.13 -20.45
CA ALA A 181 -9.59 -2.88 -21.45
C ALA A 181 -11.07 -2.49 -21.43
N LEU A 182 -11.64 -2.32 -20.22
CA LEU A 182 -13.03 -1.87 -20.08
C LEU A 182 -13.22 -0.46 -20.63
N ASP A 183 -12.28 0.42 -20.27
CA ASP A 183 -12.28 1.81 -20.76
C ASP A 183 -12.21 1.82 -22.29
N GLU A 184 -11.24 1.09 -22.83
CA GLU A 184 -11.06 0.95 -24.28
C GLU A 184 -12.32 0.43 -24.96
N ALA A 185 -12.93 -0.61 -24.37
CA ALA A 185 -14.12 -1.23 -24.94
C ALA A 185 -15.33 -0.30 -24.92
N MET A 186 -15.43 0.53 -23.87
CA MET A 186 -16.56 1.44 -23.72
C MET A 186 -16.46 2.64 -24.69
N ASN A 187 -15.24 3.05 -25.01
CA ASN A 187 -15.00 4.17 -25.95
C ASN A 187 -15.37 3.83 -27.39
N LYS A 188 -15.41 2.54 -27.73
CA LYS A 188 -15.74 2.09 -29.10
C LYS A 188 -17.18 2.38 -29.49
N LEU A 189 -18.06 2.55 -28.50
CA LEU A 189 -19.45 2.95 -28.75
C LEU A 189 -19.53 4.26 -29.51
N GLN A 190 -18.63 5.18 -29.18
CA GLN A 190 -18.53 6.47 -29.87
C GLN A 190 -17.18 6.57 -30.59
N ARG A 191 -17.17 6.19 -31.88
CA ARG A 191 -15.97 6.24 -32.69
C ARG A 191 -16.35 6.29 -34.17
N ALA A 192 -15.82 7.27 -34.88
CA ALA A 192 -16.16 7.50 -36.29
C ALA A 192 -15.98 6.23 -37.13
N ASN A 193 -14.77 5.68 -37.07
CA ASN A 193 -14.47 4.40 -37.71
C ASN A 193 -13.20 3.83 -37.08
N PRO A 194 -13.27 2.61 -36.51
CA PRO A 194 -12.19 2.09 -35.67
C PRO A 194 -10.88 1.72 -36.37
N ASP A 195 -10.87 1.72 -37.71
CA ASP A 195 -9.69 1.31 -38.47
C ASP A 195 -8.71 2.46 -38.79
N ASP A 196 -8.87 3.62 -38.15
CA ASP A 196 -7.95 4.74 -38.36
C ASP A 196 -6.59 4.46 -37.69
N PRO A 197 -5.48 4.91 -38.32
CA PRO A 197 -4.13 4.73 -37.77
C PRO A 197 -3.89 5.30 -36.36
N ALA A 198 -4.71 6.27 -35.93
CA ALA A 198 -4.57 6.87 -34.61
C ALA A 198 -4.83 5.89 -33.47
N TYR A 199 -5.73 4.93 -33.71
CA TYR A 199 -6.09 3.93 -32.69
C TYR A 199 -5.22 2.68 -32.70
N ASP A 200 -4.25 2.60 -33.61
CA ASP A 200 -3.37 1.43 -33.73
C ASP A 200 -2.66 1.08 -32.43
N GLU A 201 -2.28 2.09 -31.65
CA GLU A 201 -1.67 1.88 -30.35
C GLU A 201 -2.69 1.36 -29.33
N ASN A 202 -3.93 1.86 -29.42
CA ASN A 202 -5.01 1.38 -28.56
C ASN A 202 -5.32 -0.09 -28.83
N LYS A 203 -5.36 -0.45 -30.11
CA LYS A 203 -5.60 -1.84 -30.51
C LYS A 203 -4.46 -2.75 -30.05
N ARG A 204 -3.23 -2.28 -30.19
CA ARG A 204 -2.05 -2.99 -29.69
C ARG A 204 -2.12 -3.16 -28.17
N GLN A 205 -2.45 -2.08 -27.48
CA GLN A 205 -2.57 -2.10 -26.02
C GLN A 205 -3.73 -3.00 -25.56
N PHE A 206 -4.82 -2.99 -26.33
CA PHE A 206 -5.99 -3.80 -26.03
C PHE A 206 -5.66 -5.29 -26.05
N GLN A 207 -4.94 -5.72 -27.08
CA GLN A 207 -4.53 -7.13 -27.20
C GLN A 207 -3.60 -7.56 -26.06
N GLU A 208 -2.75 -6.66 -25.60
CA GLU A 208 -1.83 -6.93 -24.50
C GLU A 208 -2.57 -7.04 -23.15
N ASP A 209 -3.55 -6.15 -22.95
CA ASP A 209 -4.38 -6.19 -21.75
C ASP A 209 -5.11 -7.53 -21.62
N ILE A 210 -5.58 -8.06 -22.75
CA ILE A 210 -6.23 -9.37 -22.80
C ILE A 210 -5.25 -10.48 -22.38
N LYS A 211 -4.02 -10.39 -22.87
CA LYS A 211 -3.02 -11.43 -22.63
C LYS A 211 -2.60 -11.50 -21.15
N VAL A 212 -2.43 -10.33 -20.52
CA VAL A 212 -2.08 -10.27 -19.10
C VAL A 212 -3.16 -10.95 -18.24
N MET A 213 -4.43 -10.69 -18.57
CA MET A 213 -5.54 -11.27 -17.83
C MET A 213 -5.65 -12.77 -18.06
N ASN A 214 -5.53 -13.19 -19.32
CA ASN A 214 -5.57 -14.62 -19.67
C ASN A 214 -4.42 -15.41 -19.05
N ASP A 215 -3.20 -14.94 -19.24
CA ASP A 215 -2.00 -15.61 -18.74
C ASP A 215 -2.07 -15.86 -17.23
N LEU A 216 -2.44 -14.82 -16.48
CA LEU A 216 -2.52 -14.91 -15.02
C LEU A 216 -3.59 -15.90 -14.58
N VAL A 217 -4.79 -15.78 -15.15
CA VAL A 217 -5.93 -16.62 -14.77
C VAL A 217 -5.68 -18.08 -15.17
N ASP A 218 -5.22 -18.30 -16.40
CA ASP A 218 -4.91 -19.66 -16.88
C ASP A 218 -3.86 -20.33 -15.99
N LYS A 219 -2.81 -19.59 -15.63
CA LYS A 219 -1.76 -20.09 -14.76
C LYS A 219 -2.30 -20.55 -13.40
N ILE A 220 -3.10 -19.71 -12.78
CA ILE A 220 -3.68 -20.02 -11.46
C ILE A 220 -4.60 -21.23 -11.54
N ILE A 221 -5.36 -21.31 -12.63
CA ILE A 221 -6.19 -22.49 -12.88
C ILE A 221 -5.30 -23.74 -12.97
N ALA A 222 -4.19 -23.61 -13.69
CA ALA A 222 -3.23 -24.72 -13.85
C ALA A 222 -2.51 -25.06 -12.54
N ASP A 223 -2.12 -24.04 -11.78
CA ASP A 223 -1.51 -24.23 -10.47
C ASP A 223 -2.46 -24.98 -9.55
N ARG A 224 -3.71 -24.52 -9.52
CA ARG A 224 -4.76 -25.15 -8.74
C ARG A 224 -5.07 -26.57 -9.22
N LYS A 225 -4.99 -26.78 -10.53
CA LYS A 225 -5.29 -28.09 -11.15
C LYS A 225 -4.23 -29.13 -10.75
N ALA A 226 -2.96 -28.73 -10.86
CA ALA A 226 -1.84 -29.61 -10.53
C ALA A 226 -1.72 -29.86 -9.02
N SER A 227 -1.91 -28.80 -8.22
CA SER A 227 -1.80 -28.90 -6.77
C SER A 227 -2.93 -29.72 -6.16
N GLY A 228 -4.15 -29.50 -6.66
CA GLY A 228 -5.32 -30.21 -6.16
C GLY A 228 -5.76 -29.74 -4.78
N GLU A 229 -5.44 -28.50 -4.44
CA GLU A 229 -5.77 -27.93 -3.13
C GLU A 229 -7.26 -27.55 -3.09
N GLN A 230 -7.95 -28.02 -2.06
CA GLN A 230 -9.40 -27.81 -1.94
C GLN A 230 -9.72 -26.56 -1.11
N SER A 231 -9.75 -25.41 -1.78
CA SER A 231 -10.19 -24.16 -1.16
C SER A 231 -11.72 -24.09 -1.16
N ASP A 232 -12.26 -23.07 -0.49
CA ASP A 232 -13.69 -22.80 -0.51
C ASP A 232 -13.95 -21.54 -1.34
N ASP A 233 -13.64 -21.63 -2.63
CA ASP A 233 -13.82 -20.52 -3.57
C ASP A 233 -14.57 -20.96 -4.82
N LEU A 234 -14.88 -20.00 -5.69
CA LEU A 234 -15.59 -20.28 -6.95
C LEU A 234 -14.80 -21.16 -7.91
N LEU A 235 -13.47 -21.06 -7.85
CA LEU A 235 -12.60 -21.83 -8.75
C LEU A 235 -12.70 -23.34 -8.49
N THR A 236 -12.72 -23.72 -7.21
CA THR A 236 -12.86 -25.12 -6.82
C THR A 236 -14.15 -25.73 -7.37
N HIS A 237 -15.24 -24.96 -7.31
CA HIS A 237 -16.55 -25.42 -7.76
C HIS A 237 -16.62 -25.55 -9.28
N MET A 238 -15.83 -24.74 -9.98
CA MET A 238 -15.77 -24.80 -11.45
C MET A 238 -14.88 -25.93 -11.95
N LEU A 239 -13.90 -26.33 -11.13
CA LEU A 239 -13.05 -27.47 -11.48
C LEU A 239 -13.71 -28.81 -11.14
N ASN A 240 -14.54 -28.83 -10.10
CA ASN A 240 -15.19 -30.05 -9.63
C ASN A 240 -16.67 -30.19 -10.03
N GLY A 241 -17.30 -29.08 -10.39
CA GLY A 241 -18.74 -29.07 -10.69
C GLY A 241 -19.09 -29.66 -12.03
N LYS A 242 -20.24 -30.34 -12.08
CA LYS A 242 -20.78 -30.88 -13.32
C LYS A 242 -22.23 -30.42 -13.47
N ASP A 243 -22.58 -29.98 -14.68
CA ASP A 243 -23.95 -29.55 -14.98
C ASP A 243 -24.90 -30.74 -14.92
N PRO A 244 -25.97 -30.66 -14.09
CA PRO A 244 -26.96 -31.74 -14.00
C PRO A 244 -27.58 -32.15 -15.35
N GLU A 245 -27.88 -31.19 -16.21
CA GLU A 245 -28.53 -31.47 -17.50
C GLU A 245 -27.63 -32.27 -18.45
N THR A 246 -26.57 -31.65 -18.93
CA THR A 246 -25.66 -32.28 -19.88
C THR A 246 -24.80 -33.36 -19.23
N GLY A 247 -24.43 -33.16 -17.97
CA GLY A 247 -23.49 -34.04 -17.26
C GLY A 247 -22.05 -33.62 -17.45
N GLU A 248 -21.84 -32.50 -18.15
CA GLU A 248 -20.50 -32.02 -18.47
C GLU A 248 -20.02 -30.97 -17.46
N PRO A 249 -18.70 -30.88 -17.24
CA PRO A 249 -18.11 -29.78 -16.51
C PRO A 249 -17.79 -28.62 -17.44
N LEU A 250 -17.36 -27.49 -16.89
CA LEU A 250 -16.84 -26.39 -17.68
C LEU A 250 -15.42 -26.73 -18.11
N ASP A 251 -15.09 -26.49 -19.38
CA ASP A 251 -13.71 -26.66 -19.85
C ASP A 251 -12.86 -25.46 -19.39
N ASP A 252 -11.54 -25.65 -19.36
CA ASP A 252 -10.62 -24.67 -18.81
C ASP A 252 -10.75 -23.26 -19.42
N GLU A 253 -11.07 -23.20 -20.71
CA GLU A 253 -11.20 -21.92 -21.42
C GLU A 253 -12.40 -21.11 -20.90
N ASN A 254 -13.52 -21.77 -20.64
CA ASN A 254 -14.70 -21.08 -20.11
C ASN A 254 -14.49 -20.65 -18.67
N ILE A 255 -13.88 -21.52 -17.87
CA ILE A 255 -13.59 -21.21 -16.47
C ILE A 255 -12.81 -19.91 -16.35
N ARG A 256 -11.83 -19.74 -17.24
CA ARG A 256 -11.05 -18.51 -17.33
C ARG A 256 -11.97 -17.29 -17.52
N TYR A 257 -12.82 -17.37 -18.54
CA TYR A 257 -13.75 -16.29 -18.82
C TYR A 257 -14.68 -15.99 -17.64
N GLN A 258 -15.08 -17.04 -16.90
CA GLN A 258 -15.94 -16.86 -15.73
C GLN A 258 -15.23 -16.06 -14.64
N ILE A 259 -13.96 -16.37 -14.40
CA ILE A 259 -13.18 -15.66 -13.40
C ILE A 259 -13.00 -14.19 -13.81
N ILE A 260 -12.67 -13.96 -15.07
CA ILE A 260 -12.57 -12.60 -15.59
C ILE A 260 -13.92 -11.89 -15.43
N THR A 261 -15.01 -12.60 -15.72
CA THR A 261 -16.36 -12.05 -15.61
C THR A 261 -16.73 -11.61 -14.18
N PHE A 262 -16.43 -12.44 -13.19
CA PHE A 262 -16.74 -12.08 -11.79
C PHE A 262 -15.98 -10.84 -11.35
N LEU A 263 -14.74 -10.71 -11.83
CA LEU A 263 -13.91 -9.53 -11.58
C LEU A 263 -14.46 -8.29 -12.29
N ILE A 264 -14.96 -8.43 -13.51
CA ILE A 264 -15.54 -7.32 -14.27
C ILE A 264 -16.93 -6.94 -13.76
N ALA A 265 -17.82 -7.92 -13.72
CA ALA A 265 -19.23 -7.70 -13.38
C ALA A 265 -19.45 -7.32 -11.93
N GLY A 266 -18.56 -7.77 -11.05
CA GLY A 266 -18.72 -7.58 -9.61
C GLY A 266 -18.06 -6.36 -9.00
N HIS A 267 -16.81 -6.09 -9.38
CA HIS A 267 -15.98 -5.15 -8.63
C HIS A 267 -16.48 -3.70 -8.65
N GLU A 268 -16.90 -3.21 -9.80
CA GLU A 268 -17.20 -1.79 -9.97
C GLU A 268 -18.62 -1.47 -9.54
N THR A 269 -19.55 -2.38 -9.85
CA THR A 269 -20.94 -2.23 -9.44
C THR A 269 -21.08 -2.20 -7.92
N THR A 270 -20.33 -3.08 -7.24
CA THR A 270 -20.40 -3.19 -5.79
C THR A 270 -19.74 -2.00 -5.10
N SER A 271 -18.58 -1.57 -5.61
CA SER A 271 -17.89 -0.41 -5.05
C SER A 271 -18.69 0.86 -5.32
N GLY A 272 -19.26 0.95 -6.52
CA GLY A 272 -20.19 2.01 -6.85
C GLY A 272 -21.32 2.10 -5.83
N LEU A 273 -21.93 0.96 -5.53
CA LEU A 273 -23.02 0.90 -4.56
C LEU A 273 -22.58 1.44 -3.21
N LEU A 274 -21.46 0.93 -2.70
CA LEU A 274 -20.93 1.39 -1.41
C LEU A 274 -20.61 2.88 -1.43
N SER A 275 -20.07 3.37 -2.55
CA SER A 275 -19.76 4.79 -2.72
C SER A 275 -21.01 5.68 -2.68
N PHE A 276 -22.05 5.26 -3.38
CA PHE A 276 -23.33 5.99 -3.38
C PHE A 276 -24.03 5.92 -2.03
N ALA A 277 -23.98 4.76 -1.38
CA ALA A 277 -24.62 4.57 -0.08
C ALA A 277 -24.02 5.53 0.95
N LEU A 278 -22.69 5.57 1.01
CA LEU A 278 -22.01 6.48 1.93
C LEU A 278 -22.26 7.93 1.58
N TYR A 279 -22.31 8.24 0.28
CA TYR A 279 -22.66 9.59 -0.18
C TYR A 279 -24.03 10.01 0.36
N PHE A 280 -25.03 9.17 0.16
CA PHE A 280 -26.37 9.51 0.61
C PHE A 280 -26.44 9.63 2.14
N LEU A 281 -25.69 8.80 2.86
CA LEU A 281 -25.68 8.85 4.31
C LEU A 281 -25.12 10.17 4.83
N VAL A 282 -23.99 10.63 4.29
CA VAL A 282 -23.41 11.90 4.72
C VAL A 282 -24.28 13.10 4.31
N LYS A 283 -25.03 12.97 3.23
CA LYS A 283 -25.96 14.03 2.79
C LYS A 283 -27.30 13.98 3.53
N ASN A 284 -27.55 12.89 4.26
CA ASN A 284 -28.76 12.74 5.06
C ASN A 284 -28.42 12.28 6.49
N PRO A 285 -27.93 13.19 7.34
CA PRO A 285 -27.38 12.84 8.65
C PRO A 285 -28.32 12.07 9.60
N HIS A 286 -29.62 12.35 9.53
CA HIS A 286 -30.59 11.62 10.37
C HIS A 286 -30.66 10.14 10.00
N VAL A 287 -30.59 9.84 8.71
CA VAL A 287 -30.57 8.47 8.21
C VAL A 287 -29.27 7.77 8.62
N LEU A 288 -28.16 8.51 8.62
CA LEU A 288 -26.87 7.96 9.02
C LEU A 288 -26.89 7.53 10.48
N GLN A 289 -27.41 8.39 11.35
CA GLN A 289 -27.54 8.10 12.78
C GLN A 289 -28.36 6.84 13.03
N LYS A 290 -29.46 6.68 12.29
CA LYS A 290 -30.28 5.45 12.36
C LYS A 290 -29.47 4.21 12.00
N ALA A 291 -28.69 4.29 10.93
CA ALA A 291 -27.84 3.19 10.49
C ALA A 291 -26.73 2.94 11.50
N ALA A 292 -26.08 4.01 11.96
CA ALA A 292 -25.02 3.93 12.95
C ALA A 292 -25.50 3.27 14.25
N GLU A 293 -26.70 3.65 14.70
N GLU A 293 -26.70 3.63 14.70
CA GLU A 293 -27.31 3.07 15.89
CA GLU A 293 -27.27 3.06 15.92
C GLU A 293 -27.57 1.58 15.74
C GLU A 293 -27.62 1.57 15.75
N GLU A 294 -27.98 1.17 14.54
CA GLU A 294 -28.21 -0.25 14.24
C GLU A 294 -26.90 -1.03 14.21
N ALA A 295 -25.86 -0.42 13.63
CA ALA A 295 -24.54 -1.05 13.59
C ALA A 295 -23.99 -1.29 15.00
N ALA A 296 -24.09 -0.29 15.87
CA ALA A 296 -23.61 -0.40 17.24
C ALA A 296 -24.38 -1.45 18.05
N ARG A 297 -25.69 -1.52 17.83
CA ARG A 297 -26.55 -2.48 18.52
C ARG A 297 -26.34 -3.93 18.07
N VAL A 298 -26.14 -4.13 16.77
CA VAL A 298 -26.07 -5.48 16.19
C VAL A 298 -24.66 -6.05 16.23
N LEU A 299 -23.69 -5.30 15.73
CA LEU A 299 -22.30 -5.77 15.63
C LEU A 299 -21.57 -5.65 16.97
N VAL A 300 -21.91 -6.55 17.89
CA VAL A 300 -21.38 -6.51 19.25
C VAL A 300 -20.06 -7.30 19.44
N ASP A 301 -19.54 -7.87 18.36
CA ASP A 301 -18.25 -8.58 18.41
C ASP A 301 -17.21 -7.85 17.59
N PRO A 302 -15.91 -8.08 17.89
CA PRO A 302 -14.84 -7.49 17.08
C PRO A 302 -14.88 -7.95 15.62
N VAL A 303 -15.17 -9.24 15.42
CA VAL A 303 -15.32 -9.83 14.09
C VAL A 303 -16.81 -10.10 13.84
N PRO A 304 -17.41 -9.39 12.87
CA PRO A 304 -18.82 -9.64 12.55
C PRO A 304 -19.06 -11.06 12.06
N SER A 305 -20.17 -11.67 12.50
CA SER A 305 -20.58 -13.00 12.03
C SER A 305 -21.57 -12.87 10.88
N TYR A 306 -21.70 -13.96 10.12
CA TYR A 306 -22.68 -14.01 9.03
C TYR A 306 -24.10 -13.68 9.52
N LYS A 307 -24.47 -14.22 10.67
CA LYS A 307 -25.83 -14.05 11.20
C LYS A 307 -26.10 -12.60 11.64
N GLN A 308 -25.07 -11.92 12.14
CA GLN A 308 -25.18 -10.51 12.52
C GLN A 308 -25.43 -9.62 11.30
N VAL A 309 -24.79 -9.96 10.18
CA VAL A 309 -24.96 -9.21 8.93
C VAL A 309 -26.39 -9.29 8.43
N LYS A 310 -27.03 -10.45 8.63
CA LYS A 310 -28.43 -10.63 8.26
C LYS A 310 -29.38 -9.75 9.08
N GLN A 311 -29.01 -9.46 10.32
CA GLN A 311 -29.82 -8.61 11.19
C GLN A 311 -29.70 -7.12 10.86
N LEU A 312 -28.71 -6.72 10.08
CA LEU A 312 -28.52 -5.32 9.70
C LEU A 312 -29.61 -4.91 8.69
N LYS A 313 -30.82 -4.74 9.21
CA LYS A 313 -32.01 -4.54 8.38
C LYS A 313 -32.02 -3.17 7.72
N TYR A 314 -31.86 -2.13 8.53
CA TYR A 314 -31.86 -0.75 8.04
C TYR A 314 -30.70 -0.47 7.09
N VAL A 315 -29.54 -1.08 7.35
CA VAL A 315 -28.40 -0.95 6.44
C VAL A 315 -28.75 -1.58 5.08
N GLY A 316 -29.45 -2.71 5.11
CA GLY A 316 -29.97 -3.32 3.89
C GLY A 316 -30.93 -2.41 3.14
N MET A 317 -31.74 -1.66 3.89
CA MET A 317 -32.68 -0.71 3.29
C MET A 317 -31.94 0.49 2.70
N VAL A 318 -30.85 0.91 3.35
CA VAL A 318 -30.00 1.99 2.85
C VAL A 318 -29.39 1.61 1.50
N LEU A 319 -28.96 0.36 1.37
CA LEU A 319 -28.35 -0.11 0.13
C LEU A 319 -29.34 -0.18 -1.00
N ASN A 320 -30.56 -0.67 -0.72
CA ASN A 320 -31.61 -0.72 -1.73
C ASN A 320 -32.04 0.66 -2.22
N GLU A 321 -32.12 1.61 -1.30
CA GLU A 321 -32.50 2.98 -1.66
C GLU A 321 -31.41 3.66 -2.47
N ALA A 322 -30.15 3.34 -2.19
CA ALA A 322 -29.04 3.79 -3.02
C ALA A 322 -29.12 3.16 -4.41
N LEU A 323 -29.48 1.88 -4.45
CA LEU A 323 -29.70 1.18 -5.72
C LEU A 323 -30.92 1.72 -6.48
N ARG A 324 -31.92 2.20 -5.75
CA ARG A 324 -33.07 2.81 -6.40
C ARG A 324 -32.61 4.05 -7.17
N LEU A 325 -31.99 4.99 -6.47
CA LEU A 325 -31.61 6.26 -7.07
C LEU A 325 -30.50 6.13 -8.11
N TRP A 326 -29.46 5.36 -7.77
CA TRP A 326 -28.34 5.17 -8.68
C TRP A 326 -27.93 3.71 -8.78
N PRO A 327 -28.71 2.92 -9.56
CA PRO A 327 -28.33 1.53 -9.81
C PRO A 327 -27.06 1.51 -10.64
N THR A 328 -26.00 0.96 -10.08
CA THR A 328 -24.66 1.11 -10.64
C THR A 328 -24.43 0.30 -11.92
N ALA A 329 -25.33 -0.63 -12.22
CA ALA A 329 -25.44 -1.21 -13.56
C ALA A 329 -26.75 -0.68 -14.15
N PRO A 330 -26.71 0.52 -14.74
CA PRO A 330 -27.91 1.35 -14.95
C PRO A 330 -28.84 0.94 -16.09
N ALA A 331 -28.41 0.03 -16.95
CA ALA A 331 -29.26 -0.41 -18.06
C ALA A 331 -28.95 -1.83 -18.50
N PHE A 332 -29.93 -2.47 -19.12
CA PHE A 332 -29.73 -3.75 -19.79
C PHE A 332 -30.62 -3.83 -21.03
N SER A 333 -30.23 -4.71 -21.96
CA SER A 333 -30.84 -4.78 -23.28
C SER A 333 -31.65 -6.06 -23.45
N LEU A 334 -32.77 -5.95 -24.17
CA LEU A 334 -33.63 -7.10 -24.44
C LEU A 334 -34.01 -7.13 -25.92
N TYR A 335 -34.36 -8.30 -26.43
CA TYR A 335 -34.87 -8.43 -27.79
C TYR A 335 -36.16 -9.24 -27.80
N ALA A 336 -37.04 -8.93 -28.75
CA ALA A 336 -38.33 -9.61 -28.87
C ALA A 336 -38.16 -11.01 -29.45
N LYS A 337 -38.63 -12.02 -28.72
CA LYS A 337 -38.52 -13.42 -29.17
C LYS A 337 -39.43 -13.71 -30.37
N GLU A 338 -40.56 -13.01 -30.42
CA GLU A 338 -41.49 -13.10 -31.56
C GLU A 338 -42.11 -11.73 -31.79
N ASP A 339 -42.90 -11.60 -32.86
CA ASP A 339 -43.70 -10.40 -33.11
C ASP A 339 -44.69 -10.24 -31.96
N THR A 340 -44.69 -9.07 -31.32
CA THR A 340 -45.56 -8.83 -30.16
C THR A 340 -45.91 -7.36 -30.01
N VAL A 341 -47.03 -7.08 -29.34
CA VAL A 341 -47.49 -5.72 -29.07
C VAL A 341 -47.10 -5.34 -27.65
N LEU A 342 -46.54 -4.15 -27.49
CA LEU A 342 -46.06 -3.65 -26.21
C LEU A 342 -46.96 -2.52 -25.72
N GLY A 343 -47.63 -2.75 -24.59
CA GLY A 343 -48.49 -1.73 -23.96
C GLY A 343 -49.82 -1.51 -24.68
N GLY A 344 -50.16 -2.39 -25.61
CA GLY A 344 -51.37 -2.24 -26.43
C GLY A 344 -51.34 -1.04 -27.35
N GLU A 345 -50.14 -0.55 -27.68
CA GLU A 345 -49.95 0.66 -28.47
C GLU A 345 -48.82 0.52 -29.49
N TYR A 346 -47.66 0.05 -29.03
CA TYR A 346 -46.45 0.00 -29.83
C TYR A 346 -46.16 -1.43 -30.30
N PRO A 347 -46.34 -1.70 -31.61
CA PRO A 347 -46.08 -3.05 -32.13
C PRO A 347 -44.60 -3.29 -32.41
N LEU A 348 -44.10 -4.45 -32.00
CA LEU A 348 -42.70 -4.83 -32.22
C LEU A 348 -42.60 -6.06 -33.13
N GLU A 349 -41.51 -6.13 -33.88
CA GLU A 349 -41.21 -7.29 -34.72
C GLU A 349 -40.18 -8.17 -34.04
N LYS A 350 -40.04 -9.40 -34.54
CA LYS A 350 -39.05 -10.34 -34.00
C LYS A 350 -37.65 -9.73 -34.10
N GLY A 351 -36.88 -9.82 -33.01
CA GLY A 351 -35.52 -9.29 -32.98
C GLY A 351 -35.40 -7.82 -32.62
N ASP A 352 -36.52 -7.10 -32.51
CA ASP A 352 -36.48 -5.68 -32.17
C ASP A 352 -36.01 -5.52 -30.74
N GLU A 353 -35.09 -4.58 -30.55
CA GLU A 353 -34.39 -4.42 -29.28
C GLU A 353 -35.04 -3.36 -28.40
N LEU A 354 -34.89 -3.55 -27.08
CA LEU A 354 -35.35 -2.60 -26.08
C LEU A 354 -34.22 -2.33 -25.11
N MET A 355 -34.17 -1.12 -24.58
CA MET A 355 -33.26 -0.78 -23.48
C MET A 355 -34.07 -0.40 -22.26
N VAL A 356 -33.74 -0.98 -21.11
CA VAL A 356 -34.41 -0.67 -19.86
C VAL A 356 -33.55 0.32 -19.08
N LEU A 357 -34.05 1.55 -19.00
CA LEU A 357 -33.37 2.63 -18.29
C LEU A 357 -33.76 2.56 -16.82
N ILE A 358 -32.94 1.88 -16.02
CA ILE A 358 -33.32 1.51 -14.65
C ILE A 358 -33.46 2.73 -13.72
N PRO A 359 -32.57 3.74 -13.86
CA PRO A 359 -32.76 4.95 -13.04
C PRO A 359 -34.12 5.62 -13.26
N GLN A 360 -34.63 5.59 -14.49
CA GLN A 360 -35.94 6.16 -14.79
C GLN A 360 -37.08 5.31 -14.21
N LEU A 361 -37.02 4.00 -14.43
CA LEU A 361 -37.93 3.06 -13.78
C LEU A 361 -38.05 3.36 -12.28
N HIS A 362 -36.91 3.55 -11.64
CA HIS A 362 -36.86 3.81 -10.21
C HIS A 362 -37.34 5.20 -9.81
N ARG A 363 -37.63 6.05 -10.79
CA ARG A 363 -38.19 7.38 -10.56
C ARG A 363 -39.63 7.48 -11.09
N ASP A 364 -40.22 6.35 -11.46
CA ASP A 364 -41.61 6.32 -11.89
C ASP A 364 -42.51 6.75 -10.74
N LYS A 365 -43.09 7.95 -10.87
CA LYS A 365 -43.89 8.55 -9.81
C LYS A 365 -45.15 7.76 -9.47
N THR A 366 -45.68 7.01 -10.43
CA THR A 366 -46.88 6.20 -10.20
C THR A 366 -46.63 5.04 -9.24
N ILE A 367 -45.37 4.61 -9.13
CA ILE A 367 -44.98 3.53 -8.22
C ILE A 367 -44.49 4.08 -6.87
N TRP A 368 -43.62 5.08 -6.92
CA TRP A 368 -42.90 5.52 -5.72
C TRP A 368 -43.48 6.77 -5.06
N GLY A 369 -44.37 7.47 -5.76
CA GLY A 369 -44.95 8.71 -5.25
C GLY A 369 -44.27 9.94 -5.82
N ASP A 370 -44.48 11.09 -5.17
CA ASP A 370 -43.99 12.37 -5.67
C ASP A 370 -42.49 12.59 -5.39
N ASP A 371 -42.05 12.19 -4.20
CA ASP A 371 -40.69 12.48 -3.71
C ASP A 371 -39.61 11.51 -4.23
N VAL A 372 -39.67 11.16 -5.51
CA VAL A 372 -38.78 10.13 -6.07
C VAL A 372 -37.29 10.45 -5.99
N GLU A 373 -36.94 11.73 -5.91
CA GLU A 373 -35.54 12.17 -5.83
C GLU A 373 -34.96 12.13 -4.42
N GLU A 374 -35.80 11.97 -3.41
CA GLU A 374 -35.34 12.02 -2.02
C GLU A 374 -34.90 10.66 -1.50
N PHE A 375 -33.89 10.67 -0.63
CA PHE A 375 -33.33 9.44 -0.07
C PHE A 375 -34.08 9.02 1.19
N ARG A 376 -34.99 8.06 1.04
CA ARG A 376 -35.74 7.48 2.14
C ARG A 376 -35.61 5.96 2.11
N PRO A 377 -34.74 5.40 2.97
CA PRO A 377 -34.63 3.95 3.09
C PRO A 377 -35.94 3.29 3.53
N GLU A 378 -36.78 4.05 4.23
CA GLU A 378 -38.06 3.54 4.76
C GLU A 378 -39.04 3.06 3.68
N ARG A 379 -38.77 3.38 2.42
CA ARG A 379 -39.56 2.83 1.30
C ARG A 379 -39.53 1.31 1.30
N PHE A 380 -38.39 0.74 1.70
CA PHE A 380 -38.19 -0.70 1.71
C PHE A 380 -38.47 -1.33 3.07
N GLU A 381 -39.20 -0.63 3.93
CA GLU A 381 -39.61 -1.17 5.22
C GLU A 381 -40.42 -2.45 5.03
N ASN A 382 -41.27 -2.46 4.00
CA ASN A 382 -42.08 -3.62 3.64
C ASN A 382 -41.88 -3.97 2.16
N PRO A 383 -40.88 -4.83 1.86
CA PRO A 383 -40.54 -5.25 0.49
C PRO A 383 -41.72 -5.78 -0.33
N SER A 384 -42.64 -6.49 0.33
CA SER A 384 -43.77 -7.11 -0.35
C SER A 384 -44.71 -6.11 -1.04
N ALA A 385 -44.75 -4.87 -0.55
CA ALA A 385 -45.64 -3.85 -1.09
C ALA A 385 -45.22 -3.33 -2.47
N ILE A 386 -43.97 -3.55 -2.84
CA ILE A 386 -43.44 -3.10 -4.13
C ILE A 386 -44.01 -3.96 -5.26
N PRO A 387 -44.64 -3.34 -6.28
CA PRO A 387 -45.17 -4.12 -7.40
C PRO A 387 -44.10 -4.83 -8.22
N GLN A 388 -44.52 -5.82 -9.00
CA GLN A 388 -43.63 -6.62 -9.85
C GLN A 388 -42.86 -5.76 -10.84
N HIS A 389 -41.56 -6.03 -10.98
CA HIS A 389 -40.71 -5.39 -11.98
C HIS A 389 -40.61 -3.87 -11.82
N ALA A 390 -40.75 -3.39 -10.60
CA ALA A 390 -40.62 -1.97 -10.29
C ALA A 390 -39.20 -1.61 -9.83
N PHE A 391 -38.49 -2.60 -9.31
CA PHE A 391 -37.18 -2.42 -8.71
C PHE A 391 -36.26 -3.52 -9.25
N LYS A 392 -35.44 -3.17 -10.25
CA LYS A 392 -34.61 -4.14 -10.96
C LYS A 392 -33.15 -3.72 -11.09
N PRO A 393 -32.48 -3.42 -9.96
CA PRO A 393 -31.06 -3.10 -10.02
C PRO A 393 -30.17 -4.31 -10.36
N PHE A 394 -30.70 -5.52 -10.19
CA PHE A 394 -29.95 -6.74 -10.46
C PHE A 394 -30.48 -7.49 -11.70
N GLY A 395 -31.09 -6.76 -12.64
CA GLY A 395 -31.55 -7.35 -13.90
C GLY A 395 -32.83 -8.15 -13.74
N ASN A 396 -33.12 -8.99 -14.73
CA ASN A 396 -34.39 -9.71 -14.76
C ASN A 396 -34.27 -11.21 -15.06
N GLY A 397 -35.06 -12.01 -14.33
CA GLY A 397 -35.28 -13.41 -14.64
C GLY A 397 -34.05 -14.29 -14.49
N GLN A 398 -33.92 -15.28 -15.38
CA GLN A 398 -32.75 -16.18 -15.38
C GLN A 398 -31.45 -15.45 -15.77
N ARG A 399 -31.57 -14.32 -16.46
CA ARG A 399 -30.39 -13.51 -16.79
C ARG A 399 -30.17 -12.37 -15.79
N ALA A 400 -30.80 -12.51 -14.61
CA ALA A 400 -30.55 -11.58 -13.50
C ALA A 400 -29.17 -11.83 -12.92
N CYS A 401 -28.74 -10.91 -12.06
CA CYS A 401 -27.43 -10.99 -11.43
C CYS A 401 -27.30 -12.26 -10.59
N ILE A 402 -26.37 -13.13 -10.98
CA ILE A 402 -26.07 -14.32 -10.20
C ILE A 402 -25.34 -13.95 -8.90
N GLY A 403 -24.66 -12.81 -8.90
CA GLY A 403 -23.90 -12.35 -7.73
C GLY A 403 -24.63 -11.39 -6.80
N GLN A 404 -25.96 -11.32 -6.90
CA GLN A 404 -26.76 -10.41 -6.07
C GLN A 404 -26.53 -10.63 -4.58
N GLN A 405 -26.62 -11.88 -4.14
CA GLN A 405 -26.46 -12.22 -2.71
C GLN A 405 -25.04 -11.95 -2.22
N PHE A 406 -24.05 -12.22 -3.07
CA PHE A 406 -22.66 -11.89 -2.78
C PHE A 406 -22.48 -10.38 -2.57
N ALA A 407 -22.96 -9.60 -3.54
CA ALA A 407 -22.77 -8.15 -3.53
C ALA A 407 -23.46 -7.49 -2.33
N LEU A 408 -24.69 -7.90 -2.04
CA LEU A 408 -25.44 -7.33 -0.92
C LEU A 408 -24.90 -7.76 0.44
N HIS A 409 -24.38 -8.98 0.52
CA HIS A 409 -23.76 -9.45 1.76
C HIS A 409 -22.50 -8.66 2.05
N GLU A 410 -21.67 -8.49 1.01
CA GLU A 410 -20.45 -7.70 1.11
C GLU A 410 -20.77 -6.25 1.50
N ALA A 411 -21.65 -5.62 0.74
CA ALA A 411 -21.99 -4.21 0.97
C ALA A 411 -22.56 -3.98 2.37
N THR A 412 -23.40 -4.90 2.83
CA THR A 412 -24.00 -4.80 4.15
C THR A 412 -22.97 -4.99 5.26
N LEU A 413 -22.10 -5.98 5.09
CA LEU A 413 -21.00 -6.23 6.04
C LEU A 413 -20.06 -5.03 6.14
N VAL A 414 -19.58 -4.57 4.99
CA VAL A 414 -18.59 -3.50 4.93
C VAL A 414 -19.16 -2.19 5.46
N LEU A 415 -20.39 -1.86 5.05
CA LEU A 415 -21.04 -0.62 5.49
C LEU A 415 -21.39 -0.69 6.97
N GLY A 416 -21.82 -1.87 7.43
CA GLY A 416 -22.07 -2.09 8.85
C GLY A 416 -20.85 -1.80 9.69
N MET A 417 -19.70 -2.31 9.25
CA MET A 417 -18.43 -2.09 9.95
C MET A 417 -18.01 -0.61 9.86
N MET A 418 -18.16 -0.02 8.69
CA MET A 418 -17.87 1.41 8.49
C MET A 418 -18.64 2.28 9.49
N LEU A 419 -19.94 2.03 9.61
CA LEU A 419 -20.80 2.81 10.49
C LEU A 419 -20.53 2.55 11.98
N LYS A 420 -20.02 1.36 12.29
CA LYS A 420 -19.67 1.00 13.66
C LYS A 420 -18.41 1.72 14.13
N HIS A 421 -17.39 1.73 13.28
CA HIS A 421 -16.04 2.15 13.67
C HIS A 421 -15.73 3.63 13.44
N PHE A 422 -16.54 4.33 12.65
CA PHE A 422 -16.23 5.71 12.28
C PHE A 422 -17.45 6.62 12.23
N ASP A 423 -17.26 7.87 12.68
CA ASP A 423 -18.15 8.98 12.35
C ASP A 423 -17.60 9.64 11.09
N PHE A 424 -18.47 9.96 10.15
CA PHE A 424 -18.05 10.47 8.86
C PHE A 424 -18.42 11.94 8.68
N GLU A 425 -17.54 12.68 8.01
CA GLU A 425 -17.70 14.12 7.80
C GLU A 425 -17.61 14.43 6.31
N ASP A 426 -18.63 15.12 5.79
CA ASP A 426 -18.62 15.62 4.40
C ASP A 426 -17.89 16.95 4.40
N HIS A 427 -16.57 16.88 4.54
CA HIS A 427 -15.75 18.07 4.83
C HIS A 427 -15.62 19.06 3.67
N THR A 428 -15.78 18.58 2.43
CA THR A 428 -15.69 19.45 1.26
C THR A 428 -17.06 19.90 0.76
N ASN A 429 -18.13 19.40 1.39
CA ASN A 429 -19.49 19.62 0.91
C ASN A 429 -19.60 19.13 -0.54
N TYR A 430 -19.30 17.85 -0.72
CA TYR A 430 -19.12 17.25 -2.04
C TYR A 430 -20.33 17.41 -2.96
N GLU A 431 -20.08 17.94 -4.16
CA GLU A 431 -21.13 18.10 -5.17
C GLU A 431 -21.11 16.84 -6.04
N LEU A 432 -22.26 16.18 -6.14
CA LEU A 432 -22.37 14.90 -6.84
C LEU A 432 -21.94 14.98 -8.30
N ASP A 433 -20.97 14.15 -8.68
CA ASP A 433 -20.49 14.07 -10.05
C ASP A 433 -20.38 12.59 -10.44
N ILE A 434 -21.30 12.13 -11.28
CA ILE A 434 -21.40 10.72 -11.63
C ILE A 434 -20.62 10.41 -12.91
N LYS A 435 -19.49 9.73 -12.75
CA LYS A 435 -18.68 9.27 -13.87
C LYS A 435 -19.29 8.01 -14.45
N GLU A 436 -19.35 7.91 -15.77
CA GLU A 436 -19.94 6.76 -16.45
C GLU A 436 -18.92 5.94 -17.22
N THR A 437 -18.79 4.67 -16.84
CA THR A 437 -18.00 3.68 -17.58
C THR A 437 -19.00 2.60 -18.02
N LEU A 438 -18.72 1.33 -17.75
CA LEU A 438 -19.75 0.30 -17.80
C LEU A 438 -20.76 0.60 -16.69
N THR A 439 -20.30 1.24 -15.63
CA THR A 439 -21.07 1.46 -14.42
C THR A 439 -21.07 2.94 -14.03
N LEU A 440 -21.80 3.27 -12.96
CA LEU A 440 -21.85 4.62 -12.43
C LEU A 440 -21.11 4.70 -11.10
N LYS A 441 -20.47 5.83 -10.83
CA LYS A 441 -19.85 6.08 -9.52
C LYS A 441 -19.72 7.59 -9.24
N PRO A 442 -19.71 7.97 -7.95
CA PRO A 442 -19.54 9.38 -7.58
C PRO A 442 -18.07 9.80 -7.62
N GLU A 443 -17.65 10.34 -8.76
CA GLU A 443 -16.25 10.74 -8.96
C GLU A 443 -15.85 11.84 -7.98
N GLY A 444 -14.66 11.71 -7.41
CA GLY A 444 -14.13 12.71 -6.48
C GLY A 444 -14.78 12.75 -5.11
N PHE A 445 -15.64 11.78 -4.80
CA PHE A 445 -16.29 11.74 -3.49
C PHE A 445 -15.24 11.48 -2.40
N VAL A 446 -15.10 12.41 -1.47
CA VAL A 446 -14.13 12.31 -0.39
C VAL A 446 -14.79 12.58 0.96
N VAL A 447 -14.25 11.97 2.01
CA VAL A 447 -14.74 12.17 3.38
C VAL A 447 -13.60 12.10 4.39
N LYS A 448 -13.86 12.55 5.61
CA LYS A 448 -12.98 12.31 6.74
C LYS A 448 -13.66 11.35 7.68
N ALA A 449 -12.90 10.37 8.17
CA ALA A 449 -13.39 9.41 9.14
C ALA A 449 -12.71 9.66 10.48
N LYS A 450 -13.50 9.98 11.50
CA LYS A 450 -13.01 10.07 12.87
C LYS A 450 -13.33 8.75 13.55
N SER A 451 -12.29 8.10 14.09
CA SER A 451 -12.45 6.80 14.73
C SER A 451 -13.30 6.92 15.99
N LYS A 452 -14.26 6.01 16.14
CA LYS A 452 -15.03 5.88 17.38
C LYS A 452 -14.27 5.01 18.40
N LYS A 453 -13.08 4.54 17.99
CA LYS A 453 -12.07 3.99 18.90
C LYS A 453 -12.44 2.61 19.46
N ILE A 454 -13.26 1.86 18.73
CA ILE A 454 -13.67 0.53 19.13
C ILE A 454 -12.69 -0.49 18.53
N PRO A 455 -12.09 -1.34 19.40
CA PRO A 455 -11.01 -2.23 18.95
C PRO A 455 -11.49 -3.42 18.12
N LEU A 456 -10.51 -4.12 17.52
CA LEU A 456 -10.78 -5.32 16.72
C LEU A 456 -10.08 -6.52 17.34
N LYS B 4 59.16 7.82 7.65
CA LYS B 4 58.73 9.23 7.45
C LYS B 4 57.38 9.33 6.74
N GLU B 5 57.36 8.96 5.47
CA GLU B 5 56.17 9.15 4.63
C GLU B 5 55.06 8.17 4.97
N MET B 6 53.94 8.71 5.44
CA MET B 6 52.72 7.93 5.67
C MET B 6 52.19 7.43 4.33
N PRO B 7 51.73 6.17 4.28
CA PRO B 7 51.16 5.65 3.03
C PRO B 7 50.07 6.57 2.44
N GLN B 8 49.94 6.56 1.12
CA GLN B 8 49.00 7.45 0.43
C GLN B 8 48.66 6.87 -0.93
N PRO B 9 47.37 6.88 -1.31
CA PRO B 9 46.96 6.28 -2.58
C PRO B 9 47.40 7.11 -3.79
N LYS B 10 47.04 6.65 -4.98
CA LYS B 10 47.42 7.31 -6.23
C LYS B 10 46.82 8.71 -6.34
N THR B 11 47.57 9.61 -7.00
CA THR B 11 47.20 11.02 -7.12
C THR B 11 46.76 11.39 -8.54
N PHE B 12 46.09 12.53 -8.66
CA PHE B 12 45.53 13.00 -9.92
C PHE B 12 45.97 14.44 -10.18
N GLY B 13 47.27 14.67 -10.18
CA GLY B 13 47.83 16.01 -10.39
C GLY B 13 47.47 16.98 -9.26
N GLU B 14 46.85 18.09 -9.62
CA GLU B 14 46.53 19.16 -8.67
C GLU B 14 45.39 18.77 -7.71
N LEU B 15 44.52 17.87 -8.17
CA LEU B 15 43.41 17.37 -7.35
C LEU B 15 43.82 16.34 -6.30
N LYS B 16 45.07 15.86 -6.36
CA LYS B 16 45.60 14.91 -5.40
C LYS B 16 44.76 13.62 -5.38
N ASN B 17 44.19 13.25 -4.21
CA ASN B 17 43.44 12.00 -4.08
C ASN B 17 41.94 12.15 -4.30
N LEU B 18 41.45 13.38 -4.46
CA LEU B 18 40.01 13.67 -4.49
C LEU B 18 39.19 12.83 -5.49
N PRO B 19 39.71 12.63 -6.71
CA PRO B 19 38.92 11.85 -7.69
C PRO B 19 38.69 10.37 -7.35
N LEU B 20 39.38 9.85 -6.33
CA LEU B 20 39.12 8.49 -5.85
C LEU B 20 37.73 8.35 -5.23
N LEU B 21 37.20 9.45 -4.68
CA LEU B 21 35.84 9.47 -4.15
C LEU B 21 34.78 9.75 -5.25
N ASN B 22 35.24 9.99 -6.47
CA ASN B 22 34.35 10.16 -7.62
C ASN B 22 33.89 8.79 -8.12
N THR B 23 33.01 8.17 -7.34
CA THR B 23 32.51 6.82 -7.59
C THR B 23 31.33 6.61 -6.65
N ASP B 24 30.41 5.70 -7.00
CA ASP B 24 29.21 5.50 -6.18
C ASP B 24 29.42 4.50 -5.02
N LYS B 25 30.64 3.99 -4.86
CA LYS B 25 31.00 3.14 -3.72
C LYS B 25 32.32 3.60 -3.07
N PRO B 26 32.32 4.78 -2.44
CA PRO B 26 33.55 5.32 -1.86
C PRO B 26 34.10 4.51 -0.67
N VAL B 27 33.22 4.08 0.23
CA VAL B 27 33.65 3.32 1.41
C VAL B 27 34.35 2.03 1.00
N GLN B 28 33.75 1.29 0.08
CA GLN B 28 34.34 0.04 -0.41
C GLN B 28 35.67 0.26 -1.13
N ALA B 29 35.81 1.40 -1.81
CA ALA B 29 37.08 1.75 -2.44
C ALA B 29 38.14 2.09 -1.39
N LEU B 30 37.71 2.72 -0.29
CA LEU B 30 38.63 3.04 0.82
C LEU B 30 39.07 1.79 1.59
N MET B 31 38.19 0.79 1.67
CA MET B 31 38.53 -0.49 2.28
C MET B 31 39.62 -1.21 1.48
N LYS B 32 39.51 -1.13 0.15
CA LYS B 32 40.47 -1.78 -0.74
C LYS B 32 41.83 -1.07 -0.70
N ILE B 33 41.82 0.25 -0.52
CA ILE B 33 43.05 1.02 -0.34
C ILE B 33 43.68 0.73 1.03
N ALA B 34 42.83 0.51 2.04
CA ALA B 34 43.30 0.17 3.39
C ALA B 34 43.98 -1.20 3.45
N ASP B 35 43.45 -2.17 2.72
CA ASP B 35 44.06 -3.50 2.65
C ASP B 35 45.47 -3.40 2.07
N GLU B 36 45.61 -2.62 1.00
CA GLU B 36 46.90 -2.43 0.33
C GLU B 36 47.88 -1.61 1.18
N LEU B 37 47.41 -0.52 1.79
CA LEU B 37 48.29 0.44 2.47
C LEU B 37 48.42 0.24 3.98
N GLY B 38 47.47 -0.47 4.59
CA GLY B 38 47.59 -0.86 5.99
C GLY B 38 46.79 -0.01 6.98
N GLU B 39 47.26 0.02 8.22
CA GLU B 39 46.50 0.59 9.35
C GLU B 39 46.21 2.09 9.25
N ILE B 40 46.97 2.80 8.44
CA ILE B 40 46.79 4.24 8.30
C ILE B 40 47.31 4.73 6.95
N PHE B 41 46.51 5.57 6.29
CA PHE B 41 46.97 6.28 5.10
C PHE B 41 46.42 7.70 5.03
N LYS B 42 47.17 8.56 4.35
CA LYS B 42 46.82 9.97 4.19
C LYS B 42 45.92 10.11 2.97
N PHE B 43 45.02 11.09 3.00
CA PHE B 43 44.12 11.36 1.89
C PHE B 43 43.96 12.85 1.70
N GLU B 44 44.54 13.39 0.63
CA GLU B 44 44.57 14.82 0.39
C GLU B 44 43.63 15.24 -0.74
N ALA B 45 43.03 16.41 -0.58
CA ALA B 45 42.33 17.10 -1.65
C ALA B 45 42.87 18.53 -1.64
N PRO B 46 42.45 19.35 -2.61
CA PRO B 46 42.90 20.76 -2.57
C PRO B 46 42.43 21.45 -1.28
N GLY B 47 43.39 21.94 -0.49
CA GLY B 47 43.11 22.64 0.76
C GLY B 47 42.36 21.81 1.81
N ARG B 48 42.62 20.51 1.84
CA ARG B 48 42.04 19.62 2.85
C ARG B 48 42.79 18.30 2.93
N VAL B 49 42.99 17.82 4.15
CA VAL B 49 43.69 16.56 4.41
C VAL B 49 42.95 15.77 5.48
N THR B 50 42.92 14.44 5.33
CA THR B 50 42.45 13.55 6.38
C THR B 50 43.29 12.30 6.42
N ARG B 51 43.12 11.51 7.48
CA ARG B 51 43.86 10.26 7.68
C ARG B 51 42.89 9.16 8.05
N TYR B 52 42.90 8.07 7.28
CA TYR B 52 41.99 6.95 7.50
C TYR B 52 42.62 5.88 8.39
N LEU B 53 41.95 5.54 9.49
CA LEU B 53 42.43 4.55 10.44
C LEU B 53 41.70 3.22 10.26
N SER B 54 42.46 2.13 10.26
CA SER B 54 41.90 0.78 10.05
C SER B 54 42.17 -0.21 11.18
N SER B 55 43.14 0.09 12.06
CA SER B 55 43.55 -0.85 13.10
C SER B 55 43.00 -0.47 14.47
N GLN B 56 42.75 -1.49 15.28
CA GLN B 56 42.28 -1.32 16.65
C GLN B 56 43.26 -0.51 17.50
N ARG B 57 44.56 -0.79 17.34
CA ARG B 57 45.58 -0.13 18.16
C ARG B 57 45.62 1.39 17.97
N LEU B 58 45.37 1.85 16.75
CA LEU B 58 45.31 3.30 16.47
C LEU B 58 43.94 3.88 16.83
N ILE B 59 42.89 3.14 16.50
CA ILE B 59 41.52 3.60 16.73
C ILE B 59 41.17 3.68 18.23
N LYS B 60 41.78 2.83 19.05
CA LYS B 60 41.58 2.91 20.51
C LYS B 60 42.16 4.21 21.06
N GLU B 61 43.27 4.67 20.49
CA GLU B 61 43.83 5.97 20.82
C GLU B 61 42.91 7.08 20.33
N ALA B 62 42.47 6.96 19.08
CA ALA B 62 41.56 7.93 18.48
C ALA B 62 40.28 8.10 19.31
N CYS B 63 39.84 7.02 19.95
CA CYS B 63 38.64 7.02 20.80
C CYS B 63 38.88 7.61 22.20
N ASP B 64 40.09 8.09 22.48
CA ASP B 64 40.37 8.78 23.74
C ASP B 64 39.76 10.18 23.69
N GLU B 65 38.74 10.40 24.52
CA GLU B 65 37.93 11.61 24.47
C GLU B 65 38.67 12.87 24.96
N SER B 66 39.68 12.70 25.80
CA SER B 66 40.50 13.83 26.23
C SER B 66 41.38 14.35 25.09
N ARG B 67 41.72 13.45 24.15
CA ARG B 67 42.63 13.78 23.04
C ARG B 67 41.91 14.10 21.73
N PHE B 68 40.79 13.40 21.47
CA PHE B 68 40.05 13.57 20.21
C PHE B 68 38.55 13.75 20.45
N ASP B 69 37.92 14.60 19.64
CA ASP B 69 36.50 14.89 19.73
C ASP B 69 35.85 14.71 18.36
N LYS B 70 34.54 14.43 18.35
CA LYS B 70 33.81 14.23 17.09
C LYS B 70 34.01 15.40 16.14
N ASN B 71 34.31 15.08 14.89
CA ASN B 71 34.40 16.07 13.82
C ASN B 71 33.22 15.88 12.86
N LEU B 72 32.75 16.98 12.29
CA LEU B 72 31.74 16.90 11.24
C LEU B 72 32.45 16.74 9.91
N SER B 73 32.38 15.53 9.35
CA SER B 73 32.87 15.26 8.00
C SER B 73 32.15 16.18 7.02
N GLN B 74 32.66 16.27 5.80
CA GLN B 74 32.01 17.10 4.78
C GLN B 74 30.58 16.61 4.52
N ALA B 75 30.37 15.30 4.58
CA ALA B 75 29.04 14.72 4.43
C ALA B 75 28.07 15.25 5.48
N LEU B 76 28.45 15.14 6.75
CA LEU B 76 27.60 15.61 7.84
C LEU B 76 27.35 17.12 7.77
N LYS B 77 28.35 17.88 7.33
CA LYS B 77 28.19 19.32 7.13
C LYS B 77 27.10 19.63 6.12
N PHE B 78 27.02 18.86 5.04
CA PHE B 78 25.95 19.03 4.06
C PHE B 78 24.60 18.57 4.60
N VAL B 79 24.62 17.52 5.42
CA VAL B 79 23.38 17.05 6.08
C VAL B 79 22.90 18.08 7.12
N ARG B 80 23.82 18.88 7.64
CA ARG B 80 23.50 19.95 8.58
C ARG B 80 22.55 21.00 7.99
N ASP B 81 22.58 21.18 6.67
CA ASP B 81 21.68 22.13 6.00
C ASP B 81 20.19 21.84 6.25
N PHE B 82 19.86 20.57 6.52
CA PHE B 82 18.49 20.20 6.91
C PHE B 82 18.37 19.55 8.28
N ALA B 83 19.45 18.93 8.77
CA ALA B 83 19.47 18.33 10.11
C ALA B 83 19.82 19.34 11.21
N GLY B 84 20.35 20.50 10.81
CA GLY B 84 20.63 21.60 11.72
C GLY B 84 21.58 21.26 12.85
N ASP B 85 21.33 21.84 14.03
CA ASP B 85 22.09 21.49 15.23
C ASP B 85 21.37 20.44 16.09
N GLY B 86 20.78 19.45 15.41
CA GLY B 86 20.34 18.22 16.08
C GLY B 86 21.56 17.46 16.57
N LEU B 87 21.34 16.40 17.35
CA LEU B 87 22.43 15.64 17.97
C LEU B 87 23.47 15.10 16.97
N PHE B 88 23.00 14.70 15.80
CA PHE B 88 23.83 14.01 14.81
C PHE B 88 24.81 14.97 14.14
N THR B 89 24.37 16.18 13.85
CA THR B 89 25.16 17.14 13.08
C THR B 89 25.57 18.38 13.87
N SER B 90 25.58 18.27 15.19
CA SER B 90 26.04 19.37 16.04
C SER B 90 27.43 19.06 16.58
N TRP B 91 28.21 20.11 16.82
CA TRP B 91 29.51 19.96 17.46
C TRP B 91 29.30 19.74 18.95
N THR B 92 30.22 19.04 19.59
CA THR B 92 30.15 18.77 21.03
C THR B 92 30.12 20.06 21.86
N HIS B 93 30.83 21.08 21.41
CA HIS B 93 30.95 22.35 22.13
C HIS B 93 29.77 23.31 21.91
N GLU B 94 28.84 22.97 21.02
CA GLU B 94 27.62 23.76 20.85
C GLU B 94 26.69 23.53 22.03
N LYS B 95 26.08 24.62 22.53
CA LYS B 95 25.21 24.54 23.70
C LYS B 95 24.08 23.52 23.50
N ASN B 96 23.49 23.50 22.30
CA ASN B 96 22.36 22.63 22.01
C ASN B 96 22.66 21.14 21.97
N TRP B 97 23.93 20.74 21.81
CA TRP B 97 24.24 19.31 21.82
C TRP B 97 24.02 18.73 23.21
N LYS B 98 24.76 19.26 24.18
CA LYS B 98 24.74 18.74 25.55
C LYS B 98 23.34 18.87 26.13
N LYS B 99 22.69 19.98 25.80
CA LYS B 99 21.33 20.25 26.25
C LYS B 99 20.36 19.18 25.74
N ALA B 100 20.39 18.91 24.44
CA ALA B 100 19.55 17.85 23.86
C ALA B 100 19.98 16.47 24.35
N HIS B 101 21.28 16.28 24.52
CA HIS B 101 21.84 15.00 24.98
C HIS B 101 21.35 14.63 26.39
N ASN B 102 21.35 15.61 27.31
CA ASN B 102 20.89 15.36 28.67
C ASN B 102 19.40 15.08 28.74
N ILE B 103 18.62 15.80 27.94
CA ILE B 103 17.17 15.65 27.91
C ILE B 103 16.75 14.31 27.29
N LEU B 104 17.41 13.92 26.20
CA LEU B 104 16.98 12.76 25.43
C LEU B 104 17.50 11.41 25.91
N LEU B 105 18.60 11.38 26.66
CA LEU B 105 19.24 10.10 27.03
C LEU B 105 18.30 9.14 27.79
N PRO B 106 17.53 9.67 28.77
CA PRO B 106 16.55 8.81 29.44
C PRO B 106 15.46 8.27 28.52
N SER B 107 15.13 9.02 27.47
CA SER B 107 14.11 8.60 26.50
C SER B 107 14.61 7.50 25.57
N PHE B 108 15.93 7.29 25.51
CA PHE B 108 16.53 6.28 24.65
C PHE B 108 17.20 5.13 25.42
N SER B 109 17.00 5.09 26.73
CA SER B 109 17.61 4.05 27.56
C SER B 109 16.92 2.71 27.36
N GLN B 110 17.56 1.65 27.86
CA GLN B 110 17.02 0.29 27.76
C GLN B 110 15.66 0.16 28.46
N GLN B 111 15.51 0.83 29.60
CA GLN B 111 14.25 0.78 30.36
C GLN B 111 13.11 1.50 29.63
N ALA B 112 13.46 2.53 28.84
CA ALA B 112 12.48 3.30 28.08
C ALA B 112 11.92 2.53 26.87
N MET B 113 12.60 1.46 26.46
CA MET B 113 12.15 0.64 25.34
C MET B 113 10.84 -0.08 25.64
N LYS B 114 10.58 -0.35 26.92
CA LYS B 114 9.29 -0.88 27.37
C LYS B 114 8.12 0.00 26.90
N GLY B 115 8.36 1.31 26.84
CA GLY B 115 7.36 2.27 26.38
C GLY B 115 7.09 2.23 24.88
N TYR B 116 8.15 2.10 24.09
CA TYR B 116 8.03 2.08 22.62
C TYR B 116 7.61 0.71 22.06
N HIS B 117 7.75 -0.33 22.87
CA HIS B 117 7.56 -1.72 22.42
C HIS B 117 6.25 -1.94 21.65
N ALA B 118 5.14 -1.51 22.25
CA ALA B 118 3.82 -1.76 21.67
C ALA B 118 3.71 -1.23 20.24
N MET B 119 4.23 -0.02 20.02
CA MET B 119 4.19 0.60 18.70
C MET B 119 5.19 0.00 17.72
N MET B 120 6.29 -0.56 18.23
CA MET B 120 7.24 -1.30 17.39
C MET B 120 6.60 -2.58 16.85
N VAL B 121 5.79 -3.23 17.69
CA VAL B 121 5.06 -4.43 17.30
C VAL B 121 4.00 -4.11 16.24
N ASP B 122 3.30 -3.00 16.41
CA ASP B 122 2.29 -2.55 15.45
C ASP B 122 2.83 -2.60 14.02
N ILE B 123 3.99 -2.00 13.81
CA ILE B 123 4.61 -1.95 12.47
C ILE B 123 5.19 -3.31 12.11
N ALA B 124 5.76 -4.01 13.09
CA ALA B 124 6.31 -5.35 12.88
C ALA B 124 5.23 -6.30 12.39
N VAL B 125 4.05 -6.24 13.02
CA VAL B 125 2.92 -7.05 12.60
C VAL B 125 2.49 -6.72 11.17
N GLN B 126 2.44 -5.43 10.82
CA GLN B 126 2.13 -5.03 9.45
C GLN B 126 3.11 -5.66 8.43
N LEU B 127 4.39 -5.72 8.78
CA LEU B 127 5.39 -6.38 7.92
C LEU B 127 5.03 -7.84 7.74
N VAL B 128 4.80 -8.54 8.86
CA VAL B 128 4.51 -9.96 8.81
C VAL B 128 3.25 -10.23 8.00
N GLN B 129 2.22 -9.40 8.20
CA GLN B 129 0.96 -9.55 7.49
C GLN B 129 1.10 -9.33 5.99
N LYS B 130 1.95 -8.39 5.58
CA LYS B 130 2.23 -8.18 4.16
C LYS B 130 2.78 -9.45 3.53
N TRP B 131 3.76 -10.04 4.21
CA TRP B 131 4.43 -11.25 3.71
C TRP B 131 3.52 -12.47 3.77
N GLU B 132 2.67 -12.55 4.79
CA GLU B 132 1.66 -13.63 4.86
C GLU B 132 0.71 -13.59 3.67
N ARG B 133 0.44 -12.39 3.16
CA ARG B 133 -0.57 -12.17 2.14
C ARG B 133 -0.02 -12.21 0.72
N LEU B 134 1.28 -12.49 0.57
CA LEU B 134 1.88 -12.68 -0.76
C LEU B 134 1.38 -13.98 -1.38
N ASN B 135 1.29 -13.99 -2.71
CA ASN B 135 0.93 -15.21 -3.45
C ASN B 135 2.15 -16.10 -3.66
N ALA B 136 1.91 -17.29 -4.19
CA ALA B 136 2.93 -18.34 -4.30
C ALA B 136 4.26 -17.88 -4.91
N ASP B 137 4.22 -17.47 -6.18
CA ASP B 137 5.46 -17.17 -6.92
C ASP B 137 5.94 -15.72 -6.78
N GLU B 138 5.30 -14.93 -5.92
CA GLU B 138 5.75 -13.57 -5.62
C GLU B 138 6.96 -13.61 -4.69
N HIS B 139 7.77 -12.55 -4.74
CA HIS B 139 8.98 -12.46 -3.90
C HIS B 139 8.97 -11.18 -3.06
N ILE B 140 9.95 -11.08 -2.17
CA ILE B 140 10.09 -9.95 -1.26
C ILE B 140 11.32 -9.12 -1.64
N GLU B 141 11.11 -7.82 -1.79
CA GLU B 141 12.22 -6.87 -1.95
C GLU B 141 12.65 -6.46 -0.54
N VAL B 142 13.77 -7.03 -0.07
CA VAL B 142 14.11 -6.99 1.36
C VAL B 142 14.37 -5.57 1.91
N PRO B 143 15.40 -4.87 1.41
CA PRO B 143 15.69 -3.54 1.97
C PRO B 143 14.54 -2.53 1.85
N GLU B 144 13.77 -2.64 0.78
CA GLU B 144 12.63 -1.76 0.55
C GLU B 144 11.60 -1.93 1.67
N ASP B 145 11.29 -3.18 2.02
CA ASP B 145 10.33 -3.46 3.09
C ASP B 145 10.91 -3.18 4.47
N MET B 146 12.20 -3.44 4.65
CA MET B 146 12.89 -3.10 5.89
C MET B 146 12.88 -1.59 6.11
N THR B 147 13.08 -0.83 5.03
CA THR B 147 13.08 0.63 5.09
C THR B 147 11.67 1.14 5.43
N ARG B 148 10.65 0.54 4.82
CA ARG B 148 9.25 0.84 5.17
C ARG B 148 9.03 0.67 6.67
N LEU B 149 9.50 -0.45 7.21
CA LEU B 149 9.27 -0.78 8.62
C LEU B 149 9.99 0.18 9.57
N THR B 150 11.26 0.47 9.29
CA THR B 150 12.06 1.31 10.18
C THR B 150 11.58 2.76 10.18
N LEU B 151 11.24 3.30 9.01
CA LEU B 151 10.69 4.66 8.90
C LEU B 151 9.40 4.79 9.70
N ASP B 152 8.48 3.85 9.52
CA ASP B 152 7.19 3.90 10.22
C ASP B 152 7.33 3.69 11.73
N THR B 153 8.29 2.86 12.13
CA THR B 153 8.49 2.58 13.55
C THR B 153 9.01 3.83 14.26
N ILE B 154 10.00 4.50 13.66
CA ILE B 154 10.54 5.73 14.26
C ILE B 154 9.53 6.88 14.14
N GLY B 155 8.77 6.91 13.05
CA GLY B 155 7.70 7.89 12.89
C GLY B 155 6.65 7.73 13.96
N LEU B 156 6.24 6.49 14.21
CA LEU B 156 5.20 6.19 15.18
C LEU B 156 5.70 6.34 16.62
N CYS B 157 6.91 5.83 16.89
CA CYS B 157 7.51 5.94 18.21
C CYS B 157 8.06 7.34 18.50
N GLY B 158 8.52 8.04 17.48
CA GLY B 158 9.18 9.32 17.65
C GLY B 158 8.24 10.49 17.87
N PHE B 159 7.17 10.56 17.07
CA PHE B 159 6.22 11.67 17.20
C PHE B 159 4.79 11.28 16.80
N ASN B 160 4.43 10.02 17.09
CA ASN B 160 3.07 9.51 16.88
C ASN B 160 2.48 9.85 15.51
N TYR B 161 3.30 9.72 14.47
CA TYR B 161 2.87 9.96 13.10
C TYR B 161 3.00 8.69 12.28
N ARG B 162 1.98 8.42 11.47
CA ARG B 162 1.94 7.22 10.63
C ARG B 162 2.20 7.55 9.18
N PHE B 163 3.39 7.18 8.70
CA PHE B 163 3.73 7.34 7.28
C PHE B 163 2.97 6.36 6.40
N ASN B 164 2.46 5.27 6.99
CA ASN B 164 1.69 4.26 6.27
C ASN B 164 2.43 3.75 5.02
N SER B 165 3.71 3.45 5.19
CA SER B 165 4.56 3.02 4.07
C SER B 165 4.12 1.68 3.46
N PHE B 166 3.47 0.84 4.27
CA PHE B 166 2.95 -0.44 3.77
C PHE B 166 1.63 -0.30 3.01
N TYR B 167 1.10 0.92 2.90
CA TYR B 167 -0.07 1.21 2.07
C TYR B 167 0.31 1.88 0.74
N ARG B 168 1.60 1.98 0.46
CA ARG B 168 2.09 2.78 -0.65
C ARG B 168 3.15 2.06 -1.48
N ASP B 169 3.36 2.57 -2.70
CA ASP B 169 4.53 2.23 -3.52
C ASP B 169 5.46 3.45 -3.58
N GLN B 170 4.88 4.61 -3.91
CA GLN B 170 5.57 5.90 -3.78
C GLN B 170 5.47 6.37 -2.32
N PRO B 171 6.62 6.57 -1.65
CA PRO B 171 6.57 6.90 -0.22
C PRO B 171 5.92 8.25 0.11
N HIS B 172 5.67 8.47 1.40
CA HIS B 172 5.14 9.74 1.91
C HIS B 172 6.04 10.88 1.45
N PRO B 173 5.44 12.02 1.04
CA PRO B 173 6.21 13.17 0.56
C PRO B 173 7.46 13.49 1.38
N PHE B 174 7.32 13.56 2.70
CA PHE B 174 8.44 13.74 3.61
C PHE B 174 9.60 12.80 3.28
N ILE B 175 9.29 11.51 3.20
CA ILE B 175 10.30 10.47 2.96
C ILE B 175 10.96 10.66 1.60
N THR B 176 10.17 11.02 0.59
CA THR B 176 10.69 11.28 -0.75
C THR B 176 11.67 12.45 -0.74
N SER B 177 11.28 13.53 -0.07
CA SER B 177 12.12 14.72 0.06
C SER B 177 13.40 14.45 0.85
N MET B 178 13.30 13.61 1.88
CA MET B 178 14.43 13.29 2.76
C MET B 178 15.52 12.52 2.03
N VAL B 179 15.13 11.48 1.30
CA VAL B 179 16.07 10.63 0.56
C VAL B 179 16.75 11.44 -0.54
N ARG B 180 15.99 12.31 -1.20
CA ARG B 180 16.52 13.16 -2.26
C ARG B 180 17.49 14.21 -1.72
N ALA B 181 17.20 14.72 -0.51
CA ALA B 181 18.11 15.64 0.17
C ALA B 181 19.40 14.96 0.58
N LEU B 182 19.28 13.75 1.13
CA LEU B 182 20.45 12.94 1.50
C LEU B 182 21.34 12.67 0.28
N ASP B 183 20.72 12.25 -0.82
CA ASP B 183 21.44 11.97 -2.07
C ASP B 183 22.20 13.19 -2.57
N GLU B 184 21.52 14.34 -2.56
CA GLU B 184 22.16 15.60 -2.97
C GLU B 184 23.36 15.92 -2.09
N ALA B 185 23.20 15.76 -0.78
CA ALA B 185 24.27 16.01 0.18
C ALA B 185 25.50 15.15 -0.09
N MET B 186 25.28 13.87 -0.37
CA MET B 186 26.37 12.94 -0.64
C MET B 186 27.02 13.19 -2.01
N ASN B 187 26.23 13.63 -2.98
CA ASN B 187 26.75 13.91 -4.33
C ASN B 187 27.70 15.12 -4.39
N LYS B 188 27.57 16.04 -3.44
CA LYS B 188 28.43 17.22 -3.37
C LYS B 188 29.89 16.89 -3.01
N LEU B 189 30.11 15.72 -2.42
CA LEU B 189 31.46 15.25 -2.08
C LEU B 189 32.25 14.90 -3.34
N GLN B 190 31.55 14.43 -4.37
CA GLN B 190 32.17 13.96 -5.61
C GLN B 190 32.59 15.12 -6.50
N ARG B 191 31.66 16.05 -6.75
CA ARG B 191 31.92 17.21 -7.61
C ARG B 191 32.83 18.24 -6.93
N ALA B 192 33.22 19.25 -7.69
CA ALA B 192 34.01 20.37 -7.14
C ALA B 192 33.78 21.69 -7.89
N ASN B 193 32.57 21.88 -8.43
CA ASN B 193 32.17 23.10 -9.14
C ASN B 193 30.83 23.59 -8.63
N PRO B 194 30.80 24.22 -7.44
CA PRO B 194 29.56 24.64 -6.76
C PRO B 194 28.55 25.38 -7.64
N ASP B 195 28.97 26.50 -8.23
CA ASP B 195 28.06 27.38 -8.97
C ASP B 195 28.14 27.19 -10.48
N ASP B 196 27.91 25.96 -10.93
CA ASP B 196 27.73 25.67 -12.34
C ASP B 196 26.22 25.81 -12.64
N PRO B 197 25.87 26.50 -13.74
CA PRO B 197 24.45 26.70 -14.10
C PRO B 197 23.58 25.43 -14.11
N ALA B 198 24.19 24.28 -14.42
CA ALA B 198 23.47 23.00 -14.43
C ALA B 198 23.03 22.58 -13.02
N TYR B 199 23.89 22.79 -12.04
CA TYR B 199 23.59 22.43 -10.65
C TYR B 199 22.65 23.40 -9.93
N ASP B 200 22.24 24.47 -10.61
CA ASP B 200 21.26 25.42 -10.06
C ASP B 200 19.89 24.75 -9.91
N GLU B 201 19.62 23.75 -10.76
CA GLU B 201 18.42 22.92 -10.66
C GLU B 201 18.45 22.08 -9.38
N ASN B 202 19.61 21.50 -9.07
CA ASN B 202 19.77 20.69 -7.87
C ASN B 202 19.53 21.48 -6.58
N LYS B 203 20.02 22.72 -6.55
CA LYS B 203 19.84 23.60 -5.40
C LYS B 203 18.38 24.02 -5.21
N ARG B 204 17.63 24.09 -6.32
CA ARG B 204 16.21 24.46 -6.26
C ARG B 204 15.42 23.35 -5.58
N GLN B 205 15.66 22.11 -6.01
CA GLN B 205 15.01 20.92 -5.45
C GLN B 205 15.37 20.74 -3.97
N PHE B 206 16.63 21.00 -3.65
CA PHE B 206 17.14 20.89 -2.28
C PHE B 206 16.35 21.78 -1.33
N GLN B 207 16.16 23.04 -1.70
CA GLN B 207 15.42 24.00 -0.87
C GLN B 207 13.93 23.67 -0.79
N GLU B 208 13.39 23.03 -1.82
CA GLU B 208 12.01 22.53 -1.79
C GLU B 208 11.89 21.38 -0.78
N ASP B 209 12.84 20.45 -0.85
CA ASP B 209 12.86 19.29 0.04
C ASP B 209 13.06 19.69 1.52
N ILE B 210 13.94 20.66 1.76
CA ILE B 210 14.14 21.19 3.11
C ILE B 210 12.82 21.72 3.68
N LYS B 211 12.10 22.51 2.86
CA LYS B 211 10.84 23.10 3.27
C LYS B 211 9.77 22.04 3.56
N VAL B 212 9.69 21.03 2.71
CA VAL B 212 8.74 19.93 2.90
C VAL B 212 8.91 19.29 4.28
N MET B 213 10.15 18.94 4.61
CA MET B 213 10.47 18.32 5.89
C MET B 213 10.17 19.26 7.05
N ASN B 214 10.59 20.52 6.92
CA ASN B 214 10.37 21.51 7.96
C ASN B 214 8.90 21.81 8.22
N ASP B 215 8.13 22.03 7.15
CA ASP B 215 6.72 22.38 7.26
C ASP B 215 5.93 21.30 8.01
N LEU B 216 6.10 20.04 7.60
CA LEU B 216 5.37 18.93 8.21
C LEU B 216 5.70 18.77 9.70
N VAL B 217 6.99 18.73 10.02
CA VAL B 217 7.43 18.55 11.40
C VAL B 217 6.97 19.71 12.28
N ASP B 218 7.15 20.94 11.80
CA ASP B 218 6.69 22.14 12.52
C ASP B 218 5.17 22.14 12.70
N LYS B 219 4.44 21.62 11.71
CA LYS B 219 2.99 21.48 11.79
C LYS B 219 2.58 20.61 12.98
N ILE B 220 3.22 19.44 13.10
CA ILE B 220 2.87 18.47 14.13
C ILE B 220 3.29 18.97 15.51
N ILE B 221 4.46 19.59 15.59
CA ILE B 221 4.93 20.20 16.85
C ILE B 221 3.87 21.18 17.37
N ALA B 222 3.41 22.07 16.51
CA ALA B 222 2.39 23.06 16.87
C ALA B 222 1.04 22.41 17.20
N ASP B 223 0.63 21.43 16.39
CA ASP B 223 -0.62 20.70 16.63
C ASP B 223 -0.62 20.00 18.00
N ARG B 224 0.54 19.46 18.38
CA ARG B 224 0.69 18.78 19.66
C ARG B 224 0.67 19.74 20.85
N LYS B 225 1.29 20.91 20.70
CA LYS B 225 1.30 21.93 21.75
C LYS B 225 -0.09 22.50 21.98
N ALA B 226 -0.80 22.77 20.89
CA ALA B 226 -2.16 23.33 20.94
C ALA B 226 -3.16 22.35 21.55
N SER B 227 -3.09 21.08 21.12
CA SER B 227 -3.95 20.03 21.68
C SER B 227 -3.49 19.62 23.08
N GLY B 228 -2.17 19.63 23.29
CA GLY B 228 -1.59 19.29 24.59
C GLY B 228 -1.76 17.84 25.02
N GLU B 229 -1.92 16.94 24.05
CA GLU B 229 -2.11 15.53 24.34
C GLU B 229 -0.80 14.84 24.72
N GLN B 230 -0.90 13.78 25.54
CA GLN B 230 0.26 13.02 25.99
C GLN B 230 0.32 11.69 25.26
N SER B 231 1.54 11.24 24.93
CA SER B 231 1.75 9.99 24.21
C SER B 231 3.06 9.32 24.64
N ASP B 232 3.27 8.10 24.16
CA ASP B 232 4.49 7.34 24.43
C ASP B 232 5.56 7.62 23.36
N ASP B 233 5.87 8.89 23.14
CA ASP B 233 6.81 9.26 22.08
C ASP B 233 7.82 10.34 22.49
N LEU B 234 8.87 10.46 21.67
CA LEU B 234 9.98 11.38 21.94
C LEU B 234 9.56 12.85 21.88
N LEU B 235 8.56 13.15 21.05
CA LEU B 235 8.05 14.52 20.94
C LEU B 235 7.47 15.01 22.26
N THR B 236 6.73 14.15 22.94
CA THR B 236 6.17 14.48 24.26
C THR B 236 7.27 14.79 25.27
N HIS B 237 8.29 13.94 25.32
CA HIS B 237 9.42 14.13 26.23
C HIS B 237 10.23 15.39 25.89
N MET B 238 10.29 15.72 24.59
CA MET B 238 11.02 16.91 24.14
C MET B 238 10.27 18.22 24.43
N LEU B 239 8.94 18.14 24.56
CA LEU B 239 8.12 19.30 24.90
C LEU B 239 8.10 19.57 26.40
N ASN B 240 8.04 18.50 27.19
CA ASN B 240 8.02 18.61 28.65
C ASN B 240 9.40 18.53 29.31
N GLY B 241 10.42 18.15 28.55
CA GLY B 241 11.75 17.91 29.10
C GLY B 241 12.53 19.18 29.41
N LYS B 242 13.22 19.17 30.56
CA LYS B 242 14.16 20.23 30.91
C LYS B 242 15.55 19.63 31.12
N ASP B 243 16.56 20.31 30.59
CA ASP B 243 17.96 19.92 30.82
C ASP B 243 18.33 20.20 32.27
N PRO B 244 18.71 19.16 33.05
CA PRO B 244 19.13 19.37 34.44
C PRO B 244 20.27 20.37 34.63
N GLU B 245 21.18 20.41 33.66
CA GLU B 245 22.34 21.29 33.70
C GLU B 245 21.92 22.77 33.59
N THR B 246 21.47 23.18 32.41
CA THR B 246 21.09 24.58 32.15
C THR B 246 19.69 24.94 32.66
N GLY B 247 18.86 23.94 32.94
CA GLY B 247 17.48 24.18 33.36
C GLY B 247 16.54 24.57 32.22
N GLU B 248 17.04 24.51 30.98
CA GLU B 248 16.29 24.97 29.81
C GLU B 248 15.67 23.80 29.06
N PRO B 249 14.47 24.00 28.50
CA PRO B 249 13.92 23.02 27.56
C PRO B 249 14.45 23.30 26.17
N LEU B 250 14.27 22.35 25.25
CA LEU B 250 14.58 22.59 23.84
C LEU B 250 13.51 23.51 23.26
N ASP B 251 13.94 24.50 22.47
CA ASP B 251 12.99 25.32 21.72
C ASP B 251 12.43 24.55 20.54
N ASP B 252 11.35 25.07 19.96
CA ASP B 252 10.62 24.39 18.89
C ASP B 252 11.48 24.11 17.65
N GLU B 253 12.41 25.02 17.35
CA GLU B 253 13.27 24.88 16.17
C GLU B 253 14.22 23.68 16.30
N ASN B 254 14.84 23.55 17.47
CA ASN B 254 15.70 22.41 17.75
C ASN B 254 14.93 21.09 17.83
N ILE B 255 13.73 21.13 18.42
CA ILE B 255 12.87 19.96 18.51
C ILE B 255 12.60 19.39 17.11
N ARG B 256 12.35 20.28 16.15
CA ARG B 256 12.13 19.88 14.77
C ARG B 256 13.39 19.25 14.16
N TYR B 257 14.56 19.83 14.44
CA TYR B 257 15.82 19.26 13.95
C TYR B 257 16.11 17.88 14.54
N GLN B 258 15.73 17.66 15.81
CA GLN B 258 15.89 16.33 16.42
C GLN B 258 15.00 15.31 15.73
N ILE B 259 13.77 15.70 15.43
CA ILE B 259 12.80 14.80 14.78
C ILE B 259 13.31 14.41 13.39
N ILE B 260 13.76 15.39 12.62
CA ILE B 260 14.37 15.12 11.31
C ILE B 260 15.59 14.22 11.49
N THR B 261 16.40 14.51 12.51
CA THR B 261 17.61 13.74 12.78
C THR B 261 17.30 12.26 13.04
N PHE B 262 16.32 11.98 13.91
CA PHE B 262 15.97 10.60 14.25
C PHE B 262 15.64 9.77 13.01
N LEU B 263 14.99 10.40 12.04
CA LEU B 263 14.66 9.76 10.77
C LEU B 263 15.89 9.56 9.88
N ILE B 264 16.73 10.58 9.75
CA ILE B 264 17.96 10.48 8.96
C ILE B 264 18.94 9.47 9.56
N ALA B 265 19.21 9.61 10.85
CA ALA B 265 20.21 8.80 11.54
C ALA B 265 19.78 7.33 11.67
N GLY B 266 18.50 7.10 11.96
CA GLY B 266 18.01 5.79 12.34
C GLY B 266 17.46 4.89 11.25
N HIS B 267 16.71 5.46 10.30
CA HIS B 267 15.89 4.63 9.41
C HIS B 267 16.69 3.70 8.50
N GLU B 268 17.69 4.24 7.78
CA GLU B 268 18.41 3.45 6.79
C GLU B 268 19.53 2.62 7.41
N THR B 269 20.05 3.05 8.56
CA THR B 269 21.03 2.27 9.31
C THR B 269 20.39 1.00 9.83
N THR B 270 19.19 1.12 10.40
CA THR B 270 18.47 -0.02 10.95
C THR B 270 17.96 -0.95 9.86
N SER B 271 17.45 -0.37 8.77
CA SER B 271 16.94 -1.18 7.65
C SER B 271 18.07 -1.98 7.01
N GLY B 272 19.23 -1.34 6.88
CA GLY B 272 20.44 -2.01 6.43
C GLY B 272 20.84 -3.18 7.31
N LEU B 273 20.84 -2.97 8.63
CA LEU B 273 21.18 -4.02 9.59
C LEU B 273 20.30 -5.25 9.38
N LEU B 274 19.00 -5.05 9.26
CA LEU B 274 18.06 -6.15 9.04
C LEU B 274 18.27 -6.79 7.66
N SER B 275 18.54 -5.96 6.66
CA SER B 275 18.79 -6.45 5.31
C SER B 275 20.05 -7.31 5.25
N PHE B 276 21.14 -6.78 5.82
CA PHE B 276 22.39 -7.53 5.91
C PHE B 276 22.25 -8.79 6.76
N ALA B 277 21.54 -8.69 7.88
CA ALA B 277 21.31 -9.83 8.75
C ALA B 277 20.62 -10.96 8.00
N LEU B 278 19.52 -10.65 7.33
CA LEU B 278 18.77 -11.65 6.56
C LEU B 278 19.59 -12.22 5.41
N TYR B 279 20.41 -11.39 4.78
CA TYR B 279 21.33 -11.86 3.73
C TYR B 279 22.26 -12.92 4.27
N PHE B 280 22.97 -12.61 5.36
CA PHE B 280 23.91 -13.55 5.95
C PHE B 280 23.22 -14.82 6.44
N LEU B 281 21.99 -14.69 6.92
CA LEU B 281 21.22 -15.86 7.36
C LEU B 281 20.94 -16.82 6.21
N VAL B 282 20.46 -16.31 5.08
CA VAL B 282 20.14 -17.18 3.94
C VAL B 282 21.40 -17.73 3.25
N LYS B 283 22.54 -17.05 3.42
CA LYS B 283 23.82 -17.52 2.90
C LYS B 283 24.53 -18.48 3.87
N ASN B 284 23.98 -18.63 5.08
CA ASN B 284 24.53 -19.55 6.08
C ASN B 284 23.40 -20.32 6.75
N PRO B 285 22.89 -21.38 6.09
CA PRO B 285 21.71 -22.12 6.55
C PRO B 285 21.77 -22.70 7.97
N HIS B 286 22.95 -23.13 8.42
CA HIS B 286 23.11 -23.66 9.77
C HIS B 286 22.85 -22.57 10.82
N VAL B 287 23.29 -21.36 10.53
CA VAL B 287 23.10 -20.21 11.42
C VAL B 287 21.62 -19.81 11.46
N LEU B 288 20.94 -19.96 10.33
CA LEU B 288 19.51 -19.67 10.21
C LEU B 288 18.69 -20.62 11.08
N GLN B 289 19.00 -21.91 11.01
CA GLN B 289 18.35 -22.93 11.84
C GLN B 289 18.47 -22.57 13.32
N LYS B 290 19.67 -22.22 13.76
CA LYS B 290 19.90 -21.84 15.15
C LYS B 290 19.01 -20.67 15.56
N ALA B 291 19.05 -19.59 14.78
CA ALA B 291 18.23 -18.40 15.06
C ALA B 291 16.74 -18.72 14.99
N ALA B 292 16.34 -19.52 14.01
CA ALA B 292 14.95 -19.94 13.85
C ALA B 292 14.48 -20.77 15.05
N GLU B 293 15.32 -21.68 15.52
CA GLU B 293 15.02 -22.49 16.70
C GLU B 293 14.74 -21.59 17.91
N GLU B 294 15.63 -20.62 18.14
CA GLU B 294 15.49 -19.70 19.26
C GLU B 294 14.19 -18.90 19.18
N ALA B 295 13.89 -18.39 17.99
CA ALA B 295 12.69 -17.60 17.75
C ALA B 295 11.43 -18.41 18.09
N ALA B 296 11.37 -19.64 17.58
CA ALA B 296 10.23 -20.53 17.82
C ALA B 296 10.06 -20.86 19.31
N ARG B 297 11.18 -21.09 20.00
CA ARG B 297 11.14 -21.44 21.42
C ARG B 297 10.70 -20.26 22.29
N VAL B 298 11.31 -19.10 22.08
CA VAL B 298 11.11 -17.94 22.95
C VAL B 298 9.78 -17.22 22.68
N LEU B 299 9.45 -17.01 21.41
CA LEU B 299 8.26 -16.24 21.04
C LEU B 299 7.00 -17.11 20.98
N VAL B 300 6.58 -17.60 22.15
CA VAL B 300 5.42 -18.50 22.26
C VAL B 300 4.07 -17.79 22.14
N ASP B 301 4.05 -16.46 22.27
CA ASP B 301 2.82 -15.69 22.14
C ASP B 301 2.71 -15.10 20.74
N PRO B 302 1.48 -14.89 20.25
CA PRO B 302 1.30 -14.23 18.94
C PRO B 302 1.77 -12.78 18.93
N VAL B 303 1.69 -12.12 20.09
CA VAL B 303 2.22 -10.77 20.28
C VAL B 303 3.45 -10.87 21.19
N PRO B 304 4.66 -10.69 20.61
CA PRO B 304 5.87 -10.73 21.43
C PRO B 304 5.89 -9.67 22.51
N SER B 305 6.37 -10.03 23.70
CA SER B 305 6.51 -9.09 24.82
C SER B 305 7.95 -8.56 24.89
N TYR B 306 8.12 -7.43 25.58
CA TYR B 306 9.43 -6.84 25.79
C TYR B 306 10.38 -7.85 26.41
N LYS B 307 9.89 -8.56 27.42
CA LYS B 307 10.68 -9.54 28.16
C LYS B 307 11.18 -10.67 27.26
N GLN B 308 10.33 -11.10 26.32
CA GLN B 308 10.67 -12.16 25.38
C GLN B 308 11.77 -11.75 24.39
N VAL B 309 11.72 -10.51 23.91
CA VAL B 309 12.75 -9.99 23.00
C VAL B 309 14.13 -10.04 23.65
N LYS B 310 14.20 -9.72 24.94
CA LYS B 310 15.46 -9.78 25.71
C LYS B 310 16.05 -11.18 25.75
N GLN B 311 15.21 -12.20 25.72
CA GLN B 311 15.65 -13.60 25.75
C GLN B 311 16.28 -14.05 24.43
N LEU B 312 16.01 -13.34 23.34
CA LEU B 312 16.52 -13.74 22.02
C LEU B 312 18.02 -13.46 21.92
N LYS B 313 18.81 -14.30 22.58
CA LYS B 313 20.24 -14.09 22.72
C LYS B 313 20.97 -14.29 21.39
N TYR B 314 20.72 -15.43 20.75
CA TYR B 314 21.38 -15.75 19.49
C TYR B 314 20.99 -14.81 18.34
N VAL B 315 19.74 -14.35 18.34
CA VAL B 315 19.31 -13.37 17.35
C VAL B 315 20.14 -12.09 17.51
N GLY B 316 20.39 -11.70 18.76
CA GLY B 316 21.26 -10.56 19.06
C GLY B 316 22.70 -10.75 18.61
N MET B 317 23.18 -12.00 18.67
CA MET B 317 24.54 -12.33 18.22
C MET B 317 24.62 -12.24 16.69
N VAL B 318 23.57 -12.69 16.02
CA VAL B 318 23.47 -12.59 14.55
C VAL B 318 23.55 -11.13 14.10
N LEU B 319 22.82 -10.25 14.78
CA LEU B 319 22.80 -8.83 14.42
C LEU B 319 24.18 -8.17 14.61
N ASN B 320 24.83 -8.48 15.73
CA ASN B 320 26.18 -7.95 16.00
C ASN B 320 27.21 -8.41 14.98
N GLU B 321 27.12 -9.66 14.55
CA GLU B 321 28.03 -10.18 13.53
C GLU B 321 27.76 -9.53 12.18
N ALA B 322 26.48 -9.28 11.87
CA ALA B 322 26.13 -8.55 10.66
C ALA B 322 26.70 -7.14 10.71
N LEU B 323 26.59 -6.51 11.88
CA LEU B 323 27.16 -5.18 12.12
C LEU B 323 28.69 -5.19 12.07
N ARG B 324 29.31 -6.30 12.48
CA ARG B 324 30.75 -6.43 12.39
C ARG B 324 31.18 -6.37 10.93
N LEU B 325 30.59 -7.23 10.10
CA LEU B 325 30.99 -7.33 8.70
C LEU B 325 30.59 -6.10 7.87
N TRP B 326 29.37 -5.62 8.08
CA TRP B 326 28.88 -4.45 7.33
C TRP B 326 28.19 -3.44 8.24
N PRO B 327 28.99 -2.67 9.00
CA PRO B 327 28.41 -1.62 9.84
C PRO B 327 27.75 -0.56 8.98
N THR B 328 26.43 -0.41 9.13
CA THR B 328 25.64 0.34 8.16
C THR B 328 25.89 1.84 8.20
N ALA B 329 26.53 2.32 9.26
CA ALA B 329 27.12 3.66 9.29
C ALA B 329 28.63 3.45 9.32
N PRO B 330 29.24 3.26 8.15
CA PRO B 330 30.58 2.66 8.06
C PRO B 330 31.76 3.51 8.54
N ALA B 331 31.55 4.80 8.78
CA ALA B 331 32.65 5.67 9.19
C ALA B 331 32.19 6.82 10.08
N PHE B 332 33.11 7.32 10.88
CA PHE B 332 32.91 8.57 11.59
C PHE B 332 34.22 9.33 11.68
N SER B 333 34.12 10.64 11.90
CA SER B 333 35.26 11.54 11.81
C SER B 333 35.62 12.10 13.18
N LEU B 334 36.91 12.28 13.41
CA LEU B 334 37.41 12.87 14.65
C LEU B 334 38.40 13.98 14.33
N TYR B 335 38.63 14.87 15.30
CA TYR B 335 39.68 15.88 15.18
C TYR B 335 40.50 15.92 16.46
N ALA B 336 41.77 16.30 16.31
CA ALA B 336 42.69 16.39 17.45
C ALA B 336 42.43 17.65 18.26
N LYS B 337 42.14 17.48 19.55
CA LYS B 337 41.86 18.61 20.44
C LYS B 337 43.09 19.46 20.71
N GLU B 338 44.24 18.80 20.83
CA GLU B 338 45.53 19.46 20.96
C GLU B 338 46.56 18.71 20.12
N ASP B 339 47.78 19.25 20.05
CA ASP B 339 48.89 18.57 19.39
C ASP B 339 49.16 17.26 20.12
N THR B 340 49.32 16.18 19.38
CA THR B 340 49.47 14.85 19.98
C THR B 340 50.13 13.88 19.00
N VAL B 341 50.68 12.79 19.55
CA VAL B 341 51.34 11.76 18.74
C VAL B 341 50.47 10.51 18.72
N LEU B 342 50.19 10.01 17.53
CA LEU B 342 49.34 8.83 17.36
C LEU B 342 50.21 7.60 17.12
N GLY B 343 50.07 6.59 17.99
CA GLY B 343 50.79 5.33 17.84
C GLY B 343 52.29 5.40 18.11
N GLY B 344 52.74 6.49 18.72
CA GLY B 344 54.17 6.70 18.98
C GLY B 344 55.00 6.96 17.73
N GLU B 345 54.36 7.38 16.64
CA GLU B 345 55.07 7.61 15.37
C GLU B 345 54.36 8.53 14.35
N TYR B 346 53.15 8.99 14.67
CA TYR B 346 52.41 9.88 13.77
C TYR B 346 52.02 11.16 14.49
N PRO B 347 52.80 12.24 14.29
CA PRO B 347 52.47 13.51 14.95
C PRO B 347 51.26 14.17 14.32
N LEU B 348 50.32 14.62 15.15
CA LEU B 348 49.14 15.33 14.69
C LEU B 348 49.08 16.72 15.32
N GLU B 349 48.75 17.72 14.50
CA GLU B 349 48.58 19.09 14.97
C GLU B 349 47.15 19.29 15.47
N LYS B 350 46.90 20.43 16.10
CA LYS B 350 45.56 20.78 16.57
C LYS B 350 44.62 20.96 15.38
N GLY B 351 43.50 20.25 15.39
CA GLY B 351 42.50 20.35 14.34
C GLY B 351 42.63 19.31 13.24
N ASP B 352 43.70 18.52 13.28
CA ASP B 352 43.91 17.47 12.26
C ASP B 352 42.83 16.40 12.35
N GLU B 353 42.24 16.09 11.20
CA GLU B 353 41.06 15.21 11.14
C GLU B 353 41.44 13.75 10.91
N LEU B 354 40.74 12.87 11.60
CA LEU B 354 40.89 11.43 11.43
C LEU B 354 39.57 10.80 11.02
N MET B 355 39.62 9.90 10.04
CA MET B 355 38.46 9.09 9.67
C MET B 355 38.69 7.67 10.17
N VAL B 356 37.65 7.07 10.75
CA VAL B 356 37.72 5.70 11.24
C VAL B 356 36.91 4.80 10.30
N LEU B 357 37.60 3.93 9.56
CA LEU B 357 36.95 2.95 8.69
C LEU B 357 36.49 1.75 9.51
N ILE B 358 35.23 1.76 9.91
CA ILE B 358 34.71 0.73 10.81
C ILE B 358 34.77 -0.68 10.20
N PRO B 359 34.40 -0.83 8.91
CA PRO B 359 34.51 -2.16 8.30
C PRO B 359 35.91 -2.77 8.40
N GLN B 360 36.94 -1.94 8.30
CA GLN B 360 38.32 -2.41 8.45
C GLN B 360 38.66 -2.72 9.90
N LEU B 361 38.26 -1.86 10.83
CA LEU B 361 38.39 -2.14 12.26
C LEU B 361 37.86 -3.52 12.59
N HIS B 362 36.69 -3.84 12.03
CA HIS B 362 36.02 -5.12 12.27
C HIS B 362 36.68 -6.32 11.56
N ARG B 363 37.65 -6.04 10.69
CA ARG B 363 38.40 -7.09 9.99
C ARG B 363 39.85 -7.16 10.46
N ASP B 364 40.15 -6.52 11.60
CA ASP B 364 41.52 -6.50 12.13
C ASP B 364 41.94 -7.91 12.56
N LYS B 365 42.88 -8.49 11.81
CA LYS B 365 43.34 -9.86 12.05
C LYS B 365 43.80 -10.08 13.50
N THR B 366 44.48 -9.08 14.06
CA THR B 366 45.06 -9.18 15.40
C THR B 366 44.03 -9.27 16.52
N ILE B 367 42.77 -8.99 16.21
CA ILE B 367 41.68 -9.03 17.18
C ILE B 367 40.77 -10.24 16.97
N TRP B 368 40.27 -10.40 15.74
CA TRP B 368 39.22 -11.38 15.45
C TRP B 368 39.73 -12.73 14.97
N GLY B 369 40.97 -12.77 14.48
CA GLY B 369 41.58 -14.01 13.99
C GLY B 369 41.86 -13.95 12.50
N ASP B 370 41.94 -15.13 11.88
CA ASP B 370 42.26 -15.25 10.46
C ASP B 370 41.01 -15.21 9.58
N ASP B 371 39.91 -15.73 10.11
CA ASP B 371 38.68 -15.93 9.33
C ASP B 371 37.71 -14.75 9.43
N VAL B 372 38.22 -13.54 9.27
CA VAL B 372 37.42 -12.32 9.48
C VAL B 372 36.26 -12.15 8.49
N GLU B 373 36.35 -12.81 7.33
CA GLU B 373 35.31 -12.72 6.30
C GLU B 373 34.15 -13.70 6.52
N GLU B 374 34.33 -14.68 7.39
CA GLU B 374 33.28 -15.66 7.68
C GLU B 374 32.21 -15.07 8.60
N PHE B 375 30.97 -15.52 8.41
CA PHE B 375 29.83 -15.12 9.25
C PHE B 375 29.66 -16.11 10.40
N ARG B 376 30.12 -15.72 11.58
CA ARG B 376 30.03 -16.57 12.77
C ARG B 376 29.56 -15.75 13.97
N PRO B 377 28.25 -15.82 14.28
CA PRO B 377 27.72 -15.10 15.45
C PRO B 377 28.33 -15.55 16.78
N GLU B 378 28.92 -16.74 16.80
CA GLU B 378 29.55 -17.30 18.02
C GLU B 378 30.59 -16.35 18.62
N ARG B 379 31.22 -15.52 17.78
CA ARG B 379 32.18 -14.51 18.24
C ARG B 379 31.64 -13.67 19.41
N PHE B 380 30.34 -13.35 19.35
CA PHE B 380 29.69 -12.53 20.37
C PHE B 380 28.93 -13.35 21.42
N GLU B 381 29.31 -14.62 21.58
CA GLU B 381 28.71 -15.48 22.60
C GLU B 381 28.83 -14.81 23.97
N ASN B 382 30.02 -14.25 24.24
CA ASN B 382 30.31 -13.54 25.49
C ASN B 382 30.73 -12.09 25.21
N PRO B 383 29.84 -11.12 25.51
CA PRO B 383 30.13 -9.69 25.28
C PRO B 383 31.45 -9.20 25.89
N SER B 384 31.73 -9.61 27.12
CA SER B 384 32.93 -9.18 27.84
C SER B 384 34.24 -9.63 27.18
N ALA B 385 34.17 -10.74 26.43
CA ALA B 385 35.33 -11.29 25.74
C ALA B 385 35.92 -10.32 24.70
N ILE B 386 35.06 -9.52 24.07
CA ILE B 386 35.50 -8.60 23.02
C ILE B 386 36.27 -7.44 23.64
N PRO B 387 37.51 -7.19 23.16
CA PRO B 387 38.31 -6.11 23.74
C PRO B 387 37.76 -4.72 23.42
N GLN B 388 38.11 -3.74 24.25
CA GLN B 388 37.53 -2.41 24.15
C GLN B 388 38.04 -1.67 22.91
N HIS B 389 37.13 -0.93 22.27
CA HIS B 389 37.40 -0.17 21.04
C HIS B 389 37.71 -1.05 19.80
N ALA B 390 37.34 -2.33 19.87
CA ALA B 390 37.51 -3.24 18.72
C ALA B 390 36.23 -3.35 17.88
N PHE B 391 35.08 -3.13 18.52
CA PHE B 391 33.77 -3.26 17.90
C PHE B 391 32.99 -1.97 18.11
N LYS B 392 32.94 -1.11 17.09
CA LYS B 392 32.29 0.19 17.18
C LYS B 392 31.28 0.48 16.06
N PRO B 393 30.22 -0.34 15.94
CA PRO B 393 29.17 -0.04 14.95
C PRO B 393 28.31 1.17 15.33
N PHE B 394 28.31 1.53 16.62
CA PHE B 394 27.52 2.67 17.11
C PHE B 394 28.40 3.84 17.56
N GLY B 395 29.64 3.89 17.09
CA GLY B 395 30.51 5.04 17.34
C GLY B 395 31.16 5.01 18.70
N ASN B 396 31.47 6.19 19.24
CA ASN B 396 32.35 6.30 20.40
C ASN B 396 31.91 7.29 21.48
N GLY B 397 31.97 6.83 22.74
CA GLY B 397 31.85 7.70 23.91
C GLY B 397 30.54 8.46 24.01
N GLN B 398 30.63 9.72 24.45
CA GLN B 398 29.46 10.58 24.58
C GLN B 398 28.82 10.97 23.23
N ARG B 399 29.59 10.85 22.15
CA ARG B 399 29.05 11.07 20.80
C ARG B 399 28.69 9.74 20.12
N ALA B 400 28.53 8.67 20.89
CA ALA B 400 28.06 7.39 20.36
C ALA B 400 26.58 7.46 20.05
N CYS B 401 26.06 6.43 19.39
CA CYS B 401 24.65 6.38 18.98
C CYS B 401 23.72 6.41 20.18
N ILE B 402 22.88 7.44 20.25
CA ILE B 402 21.88 7.54 21.32
C ILE B 402 20.75 6.53 21.10
N GLY B 403 20.54 6.11 19.85
CA GLY B 403 19.46 5.19 19.52
C GLY B 403 19.88 3.74 19.39
N GLN B 404 20.94 3.35 20.10
CA GLN B 404 21.48 1.99 20.00
C GLN B 404 20.49 0.97 20.53
N GLN B 405 19.97 1.21 21.73
CA GLN B 405 19.03 0.28 22.35
C GLN B 405 17.72 0.23 21.55
N PHE B 406 17.35 1.36 20.96
CA PHE B 406 16.19 1.43 20.07
C PHE B 406 16.39 0.57 18.82
N ALA B 407 17.50 0.81 18.13
CA ALA B 407 17.82 0.05 16.92
C ALA B 407 17.91 -1.45 17.18
N LEU B 408 18.65 -1.83 18.22
CA LEU B 408 18.85 -3.24 18.54
C LEU B 408 17.56 -3.92 19.00
N HIS B 409 16.73 -3.20 19.73
CA HIS B 409 15.44 -3.75 20.15
C HIS B 409 14.52 -3.94 18.95
N GLU B 410 14.51 -2.99 18.01
CA GLU B 410 13.69 -3.11 16.80
C GLU B 410 14.13 -4.26 15.91
N ALA B 411 15.44 -4.33 15.63
CA ALA B 411 15.99 -5.35 14.74
C ALA B 411 15.80 -6.75 15.33
N THR B 412 15.96 -6.88 16.65
CA THR B 412 15.81 -8.17 17.33
C THR B 412 14.36 -8.63 17.34
N LEU B 413 13.45 -7.70 17.63
CA LEU B 413 12.02 -7.99 17.59
C LEU B 413 11.59 -8.44 16.20
N VAL B 414 11.97 -7.66 15.20
CA VAL B 414 11.51 -7.89 13.84
C VAL B 414 12.14 -9.14 13.25
N LEU B 415 13.45 -9.30 13.41
CA LEU B 415 14.14 -10.49 12.90
C LEU B 415 13.59 -11.74 13.60
N GLY B 416 13.39 -11.64 14.90
CA GLY B 416 12.77 -12.73 15.67
C GLY B 416 11.42 -13.13 15.13
N MET B 417 10.58 -12.14 14.82
CA MET B 417 9.26 -12.41 14.27
C MET B 417 9.35 -12.95 12.85
N MET B 418 10.31 -12.46 12.07
CA MET B 418 10.53 -12.96 10.72
C MET B 418 10.89 -14.45 10.72
N LEU B 419 11.83 -14.83 11.58
CA LEU B 419 12.30 -16.22 11.64
C LEU B 419 11.25 -17.16 12.25
N LYS B 420 10.40 -16.63 13.10
CA LYS B 420 9.28 -17.40 13.67
C LYS B 420 8.24 -17.74 12.61
N HIS B 421 7.85 -16.76 11.81
CA HIS B 421 6.68 -16.89 10.93
C HIS B 421 6.96 -17.41 9.51
N PHE B 422 8.22 -17.40 9.08
CA PHE B 422 8.56 -17.76 7.70
C PHE B 422 9.81 -18.62 7.56
N ASP B 423 9.82 -19.45 6.52
CA ASP B 423 11.04 -20.05 5.99
C ASP B 423 11.45 -19.24 4.77
N PHE B 424 12.73 -18.88 4.69
CA PHE B 424 13.23 -18.02 3.63
C PHE B 424 14.04 -18.80 2.60
N GLU B 425 13.99 -18.34 1.35
CA GLU B 425 14.68 -18.99 0.24
C GLU B 425 15.46 -17.96 -0.58
N ASP B 426 16.76 -18.21 -0.76
CA ASP B 426 17.61 -17.39 -1.64
C ASP B 426 17.38 -17.87 -3.07
N HIS B 427 16.21 -17.52 -3.61
CA HIS B 427 15.75 -18.10 -4.88
C HIS B 427 16.52 -17.62 -6.12
N THR B 428 17.21 -16.49 -6.01
CA THR B 428 18.01 -15.96 -7.13
C THR B 428 19.50 -16.23 -6.96
N ASN B 429 19.88 -16.89 -5.87
CA ASN B 429 21.29 -17.01 -5.48
C ASN B 429 21.93 -15.62 -5.53
N TYR B 430 21.35 -14.70 -4.76
CA TYR B 430 21.70 -13.28 -4.82
C TYR B 430 23.20 -13.04 -4.61
N GLU B 431 23.79 -12.25 -5.51
CA GLU B 431 25.18 -11.84 -5.37
C GLU B 431 25.23 -10.47 -4.69
N LEU B 432 26.04 -10.36 -3.65
CA LEU B 432 26.06 -9.16 -2.81
C LEU B 432 26.52 -7.93 -3.60
N ASP B 433 25.66 -6.91 -3.64
CA ASP B 433 25.96 -5.63 -4.27
C ASP B 433 25.60 -4.53 -3.28
N ILE B 434 26.63 -3.91 -2.71
CA ILE B 434 26.44 -2.94 -1.63
C ILE B 434 26.34 -1.52 -2.16
N LYS B 435 25.14 -0.95 -2.08
CA LYS B 435 24.87 0.42 -2.49
C LYS B 435 25.22 1.37 -1.34
N GLU B 436 25.89 2.47 -1.66
CA GLU B 436 26.32 3.43 -0.66
C GLU B 436 25.65 4.79 -0.85
N THR B 437 24.98 5.24 0.21
CA THR B 437 24.48 6.61 0.30
C THR B 437 25.25 7.21 1.50
N LEU B 438 24.54 7.69 2.51
CA LEU B 438 25.17 7.95 3.81
C LEU B 438 25.50 6.61 4.47
N THR B 439 24.68 5.60 4.17
CA THR B 439 24.78 4.28 4.79
C THR B 439 24.97 3.18 3.75
N LEU B 440 25.12 1.95 4.24
CA LEU B 440 25.28 0.77 3.38
C LEU B 440 24.00 -0.07 3.35
N LYS B 441 23.69 -0.61 2.17
CA LYS B 441 22.57 -1.56 2.01
C LYS B 441 22.88 -2.56 0.89
N PRO B 442 22.33 -3.78 1.00
CA PRO B 442 22.49 -4.76 -0.07
C PRO B 442 21.45 -4.55 -1.16
N GLU B 443 21.85 -3.90 -2.25
CA GLU B 443 20.92 -3.51 -3.32
C GLU B 443 20.43 -4.71 -4.12
N GLY B 444 19.11 -4.77 -4.33
CA GLY B 444 18.49 -5.80 -5.16
C GLY B 444 18.35 -7.15 -4.47
N PHE B 445 18.57 -7.17 -3.15
CA PHE B 445 18.47 -8.40 -2.38
C PHE B 445 17.01 -8.82 -2.28
N VAL B 446 16.71 -10.01 -2.79
CA VAL B 446 15.35 -10.53 -2.81
C VAL B 446 15.30 -11.96 -2.25
N VAL B 447 14.18 -12.30 -1.63
CA VAL B 447 13.93 -13.65 -1.14
C VAL B 447 12.47 -14.04 -1.36
N LYS B 448 12.20 -15.34 -1.35
CA LYS B 448 10.85 -15.84 -1.29
C LYS B 448 10.63 -16.37 0.13
N ALA B 449 9.55 -15.91 0.76
CA ALA B 449 9.20 -16.35 2.10
C ALA B 449 8.04 -17.32 2.03
N LYS B 450 8.25 -18.53 2.54
CA LYS B 450 7.17 -19.51 2.67
C LYS B 450 6.68 -19.45 4.11
N SER B 451 5.36 -19.36 4.28
CA SER B 451 4.76 -19.16 5.59
C SER B 451 4.78 -20.46 6.42
N LYS B 452 4.93 -20.30 7.73
CA LYS B 452 4.82 -21.43 8.68
C LYS B 452 3.41 -21.57 9.24
N LYS B 453 2.48 -20.73 8.76
CA LYS B 453 1.06 -20.80 9.12
C LYS B 453 0.80 -20.60 10.62
N ILE B 454 1.57 -19.72 11.25
CA ILE B 454 1.40 -19.41 12.68
C ILE B 454 0.57 -18.13 12.83
N PRO B 455 -0.50 -18.17 13.65
CA PRO B 455 -1.35 -16.98 13.81
C PRO B 455 -0.67 -15.84 14.56
N LEU B 456 -1.16 -14.62 14.33
CA LEU B 456 -0.71 -13.43 15.05
C LEU B 456 -1.77 -12.96 16.04
CHA HEM C . -25.58 -9.75 -14.26
CHB HEM C . -26.06 -5.74 -11.59
CHC HEM C . -22.73 -7.44 -8.45
CHD HEM C . -21.96 -11.21 -11.39
C1A HEM C . -26.02 -8.55 -13.77
C2A HEM C . -27.03 -7.76 -14.36
C3A HEM C . -27.16 -6.64 -13.62
C4A HEM C . -26.22 -6.72 -12.56
CMA HEM C . -28.12 -5.49 -13.85
CAA HEM C . -27.83 -8.12 -15.60
CBA HEM C . -27.03 -7.68 -16.82
CGA HEM C . -27.82 -7.70 -18.11
O1A HEM C . -27.29 -7.28 -19.16
O2A HEM C . -29.01 -8.13 -18.15
C1B HEM C . -25.20 -5.85 -10.48
C2B HEM C . -25.13 -4.90 -9.43
C3B HEM C . -24.19 -5.36 -8.53
C4B HEM C . -23.70 -6.64 -9.08
CMB HEM C . -25.92 -3.61 -9.33
CAB HEM C . -23.71 -4.77 -7.25
CBB HEM C . -24.12 -3.62 -6.72
C1C HEM C . -22.22 -8.64 -8.97
C2C HEM C . -21.23 -9.43 -8.37
C3C HEM C . -20.99 -10.51 -9.22
C4C HEM C . -21.86 -10.36 -10.34
CMC HEM C . -20.55 -9.14 -7.04
CAC HEM C . -20.06 -11.66 -9.06
CBC HEM C . -19.27 -11.86 -8.01
C1D HEM C . -22.92 -11.06 -12.38
C2D HEM C . -23.05 -12.08 -13.42
C3D HEM C . -24.05 -11.68 -14.22
C4D HEM C . -24.54 -10.42 -13.65
CMD HEM C . -22.22 -13.33 -13.61
CAD HEM C . -24.56 -12.40 -15.44
CBD HEM C . -25.79 -13.25 -15.06
CGD HEM C . -26.18 -14.19 -16.20
O1D HEM C . -26.48 -13.72 -17.31
O2D HEM C . -26.21 -15.42 -16.02
NA HEM C . -25.51 -7.89 -12.69
NB HEM C . -24.36 -6.85 -10.22
NC HEM C . -22.59 -9.21 -10.16
ND HEM C . -23.84 -10.07 -12.54
FE HEM C . -24.07 -8.52 -11.45
FAW W06 D . -24.27 -1.58 -19.26
CAV W06 D . -24.94 -0.99 -20.27
FAX W06 D . -26.25 -1.22 -20.10
FAY W06 D . -24.54 -1.53 -21.41
CAU W06 D . -24.65 0.51 -20.25
FAZ W06 D . -23.34 0.68 -20.36
FBA W06 D . -25.03 1.00 -19.10
CAT W06 D . -25.40 1.27 -21.38
FBB W06 D . -26.20 2.19 -20.83
FBC W06 D . -26.16 0.41 -22.09
CAS W06 D . -24.42 1.97 -22.35
FBD W06 D . -23.84 1.05 -23.14
FBE W06 D . -23.45 2.64 -21.65
CAR W06 D . -25.13 3.02 -23.23
FBF W06 D . -24.22 3.59 -24.01
FBG W06 D . -25.66 3.94 -22.47
CAP W06 D . -26.20 2.41 -24.14
OAQ W06 D . -27.40 2.69 -23.99
N W06 D . -25.75 1.59 -25.10
CA W06 D . -26.65 0.98 -26.10
C W06 D . -25.93 -0.19 -26.80
O W06 D . -24.77 -0.46 -26.41
OXT W06 D . -26.56 -0.83 -27.68
CB W06 D . -27.06 2.16 -26.98
CG W06 D . -26.21 2.24 -28.26
CD2 W06 D . -26.67 2.43 -29.49
CE3 W06 D . -27.91 2.58 -29.98
CZ3 W06 D . -28.11 2.76 -31.35
CH2 W06 D . -27.00 2.79 -32.17
CZ2 W06 D . -25.73 2.64 -31.62
CE2 W06 D . -25.60 2.47 -30.30
NE1 W06 D . -24.50 2.31 -29.55
CD1 W06 D . -24.89 2.18 -28.28
CHA HEM E . 25.03 8.61 16.11
CHB HEM E . 25.22 4.21 14.08
CHC HEM E . 20.41 3.70 14.74
CHD HEM E . 20.21 8.19 16.51
C1A HEM E . 25.48 7.45 15.54
C2A HEM E . 26.82 7.20 15.20
C3A HEM E . 26.88 5.97 14.63
C4A HEM E . 25.56 5.45 14.60
CMA HEM E . 28.13 5.27 14.13
CAA HEM E . 27.99 8.12 15.44
CBA HEM E . 28.15 9.05 14.24
CGA HEM E . 29.39 9.91 14.33
O1A HEM E . 30.29 9.68 15.18
O2A HEM E . 29.51 10.87 13.54
C1B HEM E . 23.92 3.67 14.09
C2B HEM E . 23.58 2.37 13.62
C3B HEM E . 22.22 2.20 13.79
C4B HEM E . 21.75 3.47 14.40
CMB HEM E . 24.56 1.37 13.02
CAB HEM E . 21.34 1.06 13.49
CBB HEM E . 21.73 -0.10 12.97
C1C HEM E . 19.92 4.88 15.29
C2C HEM E . 18.57 5.12 15.62
C3C HEM E . 18.51 6.42 16.12
C4C HEM E . 19.84 6.95 16.10
CMC HEM E . 17.44 4.14 15.44
CAC HEM E . 17.34 7.18 16.64
CBC HEM E . 16.11 6.69 16.75
C1D HEM E . 21.54 8.61 16.51
C2D HEM E . 21.88 9.94 17.04
C3D HEM E . 23.21 10.06 16.93
C4D HEM E . 23.68 8.79 16.34
CMD HEM E . 20.94 10.99 17.59
CAD HEM E . 24.01 11.26 17.36
CBD HEM E . 24.56 11.05 18.77
CGD HEM E . 25.14 12.31 19.34
O1D HEM E . 24.63 12.86 20.35
O2D HEM E . 26.15 12.85 18.83
NA HEM E . 24.71 6.39 15.15
NB HEM E . 22.81 4.27 14.54
NC HEM E . 20.66 6.00 15.57
ND HEM E . 22.65 7.94 16.11
FE HEM E . 22.73 6.20 15.34
FAW W06 F . 29.81 10.66 6.45
CAV W06 F . 29.84 9.35 6.73
FAX W06 F . 28.62 8.95 7.12
FAY W06 F . 30.71 9.11 7.70
CAU W06 F . 30.24 8.55 5.47
FAZ W06 F . 29.24 8.57 4.59
FBA W06 F . 30.49 7.27 5.83
CAT W06 F . 31.50 9.15 4.79
FBB W06 F . 32.47 9.31 5.70
FBC W06 F . 31.16 10.34 4.27
CAS W06 F . 31.96 8.21 3.69
FBD W06 F . 32.54 7.52 3.96
FBE W06 F . 30.99 7.88 2.85
CAR W06 F . 32.89 9.03 2.75
FBF W06 F . 32.14 9.93 2.02
FBG W06 F . 33.47 8.20 1.88
CAP W06 F . 34.02 9.78 3.48
OAQ W06 F . 34.96 9.17 3.99
N W06 F . 33.88 11.13 3.49
CA W06 F . 34.92 12.01 4.07
C W06 F . 34.32 13.40 4.36
O W06 F . 33.13 13.61 4.03
OXT W06 F . 35.05 14.23 4.95
CB W06 F . 36.03 11.98 3.02
CG W06 F . 36.13 13.28 2.21
CD2 W06 F . 37.22 14.02 2.06
CE3 W06 F . 38.46 13.92 2.56
CZ3 W06 F . 39.43 14.86 2.27
CH2 W06 F . 39.07 15.91 1.42
CZ2 W06 F . 37.78 15.97 0.93
CE2 W06 F . 36.89 15.03 1.25
NE1 W06 F . 35.60 14.88 0.90
CD1 W06 F . 35.14 13.79 1.49
#